data_2XFQ
#
_entry.id   2XFQ
#
_cell.length_a   131.510
_cell.length_b   223.380
_cell.length_c   86.550
_cell.angle_alpha   90.00
_cell.angle_beta   90.00
_cell.angle_gamma   90.00
#
_symmetry.space_group_name_H-M   'C 2 2 2'
#
loop_
_entity.id
_entity.type
_entity.pdbx_description
1 polymer 'Amine oxidase [flavin-containing] B'
2 non-polymer 'FLAVIN-ADENINE DINUCLEOTIDE'
3 non-polymer (1R)-N-(prop-2-en-1-yl)-2,3-dihydro-1H-inden-1-amine
4 non-polymer 2-(2-BENZOFURANYL)-2-IMIDAZOLINE
5 non-polymer N-DODECYL-N,N-DIMETHYL-3-AMMONIO-1-PROPANESULFONATE
6 water water
#
_entity_poly.entity_id   1
_entity_poly.type   'polypeptide(L)'
_entity_poly.pdbx_seq_one_letter_code
;MSNKCDVVVVGGGISGMAAAKLLHDSGLNVVVLEARDRVGGRTYTLRNQKVKYVDLGGSYVGPTQNRILRLAKELGLETY
KVNEVERLIHHVKGKSYPFRGPFPPVWNPITYLDHNNFWRTMDDMGREIPSDAPWKAPLAEEWDNMTMKELLDKLCWTES
AKQLATLFVNLCVTAETHEVSALWFLWYVKQCGGTTRIISTTNGGQERKFVGGSGQVSERIMDLLGDRVKLERPVIYIDQ
TRENVLVETLNHEMYEAKYVISAIPPTLGMKIHFNPPLPMMRNQMITRVPLGSVIKCIVYYKEPFWRKKDYCGTMIIDGE
EAPVAYTLDDTKPEGNYAAIMGFILAHKARKLARLTKEERLKKLCELYAKVLGSLEALEPVHYEEKNWCEEQYSGGCYTT
YFPPGILTQYGRVLRQPVDRIYFAGTETATHWSGYMEGAVEAGERAAREILHAMGKIPEDEIWQSEPESVDVPAQPITTT
FLERHLPSVPGLLRLIGLTTIFSATALGFLAHKRGLLVRV
;
_entity_poly.pdbx_strand_id   A,B
#
loop_
_chem_comp.id
_chem_comp.type
_chem_comp.name
_chem_comp.formula
C15 non-polymer N-DODECYL-N,N-DIMETHYL-3-AMMONIO-1-PROPANESULFONATE 'C17 H38 N O3 S 1'
FAD non-polymer 'FLAVIN-ADENINE DINUCLEOTIDE' 'C27 H33 N9 O15 P2'
RAS non-polymer (1R)-N-(prop-2-en-1-yl)-2,3-dihydro-1H-inden-1-amine 'C12 H15 N'
XCG non-polymer 2-(2-BENZOFURANYL)-2-IMIDAZOLINE 'C11 H8 N2 O'
#
# COMPACT_ATOMS: atom_id res chain seq x y z
N ASN A 3 -2.00 35.39 5.62
CA ASN A 3 -2.82 35.05 6.84
C ASN A 3 -1.91 34.42 7.87
N LYS A 4 -1.77 35.06 9.02
CA LYS A 4 -0.78 34.62 10.01
C LYS A 4 -1.48 34.11 11.24
N CYS A 5 -0.94 33.03 11.82
CA CYS A 5 -1.49 32.45 13.04
C CYS A 5 -0.40 31.67 13.75
N ASP A 6 -0.75 31.10 14.90
CA ASP A 6 0.18 30.25 15.60
C ASP A 6 0.26 28.82 15.04
N VAL A 7 -0.90 28.20 14.82
CA VAL A 7 -0.94 26.78 14.36
C VAL A 7 -1.97 26.62 13.24
N VAL A 8 -1.52 26.03 12.15
CA VAL A 8 -2.42 25.62 11.11
C VAL A 8 -2.73 24.16 11.36
N VAL A 9 -4.01 23.86 11.43
CA VAL A 9 -4.47 22.48 11.45
C VAL A 9 -4.96 22.03 10.08
N VAL A 10 -4.32 21.02 9.52
CA VAL A 10 -4.77 20.50 8.22
C VAL A 10 -5.78 19.38 8.42
N GLY A 11 -7.05 19.63 8.06
CA GLY A 11 -8.14 18.66 8.25
C GLY A 11 -9.09 19.08 9.37
N GLY A 12 -10.37 19.16 9.04
CA GLY A 12 -11.44 19.41 9.98
C GLY A 12 -12.37 18.24 10.22
N GLY A 13 -11.78 17.04 10.38
CA GLY A 13 -12.50 15.94 10.96
C GLY A 13 -12.43 16.06 12.47
N ILE A 14 -12.95 15.05 13.16
CA ILE A 14 -12.89 15.06 14.61
C ILE A 14 -11.49 15.34 15.21
N SER A 15 -10.46 14.69 14.67
CA SER A 15 -9.11 14.82 15.21
C SER A 15 -8.60 16.26 15.13
N GLY A 16 -8.68 16.85 13.95
CA GLY A 16 -8.30 18.23 13.77
C GLY A 16 -9.13 19.26 14.53
N MET A 17 -10.44 19.03 14.61
CA MET A 17 -11.32 19.91 15.38
C MET A 17 -10.98 19.81 16.89
N ALA A 18 -10.77 18.59 17.40
CA ALA A 18 -10.37 18.44 18.83
C ALA A 18 -9.05 19.13 19.09
N ALA A 19 -8.10 19.04 18.16
CA ALA A 19 -6.78 19.70 18.30
C ALA A 19 -6.97 21.21 18.32
N ALA A 20 -7.73 21.71 17.35
CA ALA A 20 -7.97 23.12 17.19
C ALA A 20 -8.63 23.68 18.46
N LYS A 21 -9.59 22.94 19.01
CA LYS A 21 -10.31 23.35 20.19
C LYS A 21 -9.40 23.47 21.41
N LEU A 22 -8.56 22.48 21.62
CA LEU A 22 -7.63 22.50 22.70
C LEU A 22 -6.69 23.72 22.58
N LEU A 23 -6.16 23.94 21.36
CA LEU A 23 -5.23 25.02 21.10
C LEU A 23 -5.88 26.40 21.31
N HIS A 24 -7.11 26.54 20.81
CA HIS A 24 -7.90 27.75 20.94
C HIS A 24 -8.19 28.01 22.44
N ASP A 25 -8.60 26.97 23.20
CA ASP A 25 -8.92 27.14 24.65
C ASP A 25 -7.67 27.57 25.49
N SER A 26 -6.48 27.35 24.93
CA SER A 26 -5.23 27.65 25.61
C SER A 26 -4.76 29.04 25.29
N GLY A 27 -5.49 29.78 24.46
CA GLY A 27 -5.08 31.13 24.04
C GLY A 27 -4.33 31.25 22.71
N LEU A 28 -4.07 30.16 21.99
CA LEU A 28 -3.43 30.31 20.68
C LEU A 28 -4.39 30.67 19.56
N ASN A 29 -3.85 31.30 18.52
CA ASN A 29 -4.56 31.59 17.27
C ASN A 29 -4.38 30.41 16.30
N VAL A 30 -5.48 29.72 16.02
CA VAL A 30 -5.51 28.55 15.14
C VAL A 30 -6.36 28.81 13.92
N VAL A 31 -5.99 28.15 12.85
CA VAL A 31 -6.80 28.10 11.65
C VAL A 31 -6.92 26.61 11.27
N VAL A 32 -8.12 26.21 10.85
CA VAL A 32 -8.38 24.83 10.35
C VAL A 32 -8.56 24.93 8.84
N LEU A 33 -7.76 24.22 8.06
CA LEU A 33 -7.91 24.20 6.60
C LEU A 33 -8.57 22.90 6.21
N GLU A 34 -9.82 22.95 5.76
CA GLU A 34 -10.58 21.72 5.44
C GLU A 34 -10.79 21.63 3.94
N ALA A 35 -10.45 20.51 3.32
CA ALA A 35 -10.67 20.30 1.85
C ALA A 35 -12.15 20.37 1.38
N ARG A 36 -13.07 19.79 2.15
CA ARG A 36 -14.48 19.72 1.75
C ARG A 36 -15.30 21.00 2.07
N ASP A 37 -16.55 21.04 1.60
CA ASP A 37 -17.49 22.09 1.98
C ASP A 37 -18.17 21.81 3.31
N ARG A 38 -17.63 20.87 4.08
CA ARG A 38 -18.22 20.55 5.37
C ARG A 38 -17.09 20.08 6.26
N VAL A 39 -17.29 20.16 7.57
CA VAL A 39 -16.43 19.50 8.54
C VAL A 39 -16.96 18.06 8.85
N GLY A 40 -16.16 17.24 9.57
CA GLY A 40 -16.59 15.95 10.01
C GLY A 40 -15.87 14.76 9.37
N GLY A 41 -15.35 14.88 8.14
CA GLY A 41 -14.51 13.83 7.55
C GLY A 41 -15.22 12.49 7.36
N ARG A 42 -14.69 11.44 7.99
CA ARG A 42 -15.30 10.13 7.98
C ARG A 42 -16.57 10.05 8.89
N THR A 43 -16.90 11.13 9.59
CA THR A 43 -18.24 11.21 10.14
C THR A 43 -19.06 12.15 9.24
N TYR A 44 -20.30 11.78 8.96
CA TYR A 44 -21.21 12.56 8.17
C TYR A 44 -22.64 12.20 8.57
N THR A 45 -23.40 13.19 8.98
CA THR A 45 -24.79 13.01 9.36
C THR A 45 -25.66 13.65 8.30
N LEU A 46 -26.42 12.81 7.55
CA LEU A 46 -27.42 13.30 6.61
C LEU A 46 -28.75 13.66 7.33
N ARG A 47 -29.35 14.80 6.97
CA ARG A 47 -30.70 15.28 7.45
C ARG A 47 -31.63 15.50 6.25
N ASN A 48 -32.82 14.87 6.30
CA ASN A 48 -33.90 15.12 5.34
C ASN A 48 -35.18 14.69 6.05
N GLN A 49 -36.32 14.90 5.44
CA GLN A 49 -37.56 14.66 6.16
C GLN A 49 -37.84 13.16 6.26
N LYS A 50 -37.30 12.35 5.34
CA LYS A 50 -37.63 10.92 5.39
C LYS A 50 -36.92 10.23 6.51
N VAL A 51 -35.71 10.66 6.85
CA VAL A 51 -34.93 9.94 7.86
C VAL A 51 -34.81 10.69 9.19
N LYS A 52 -35.17 11.97 9.16
CA LYS A 52 -34.84 12.99 10.17
C LYS A 52 -33.32 13.31 10.23
N TYR A 53 -32.51 12.36 10.71
CA TYR A 53 -31.05 12.41 10.60
C TYR A 53 -30.54 10.94 10.50
N VAL A 54 -29.37 10.74 9.92
CA VAL A 54 -28.72 9.44 9.95
C VAL A 54 -27.22 9.59 9.72
N ASP A 55 -26.45 8.84 10.48
CA ASP A 55 -25.01 8.75 10.34
C ASP A 55 -24.63 7.87 9.14
N LEU A 56 -23.99 8.43 8.12
CA LEU A 56 -23.45 7.66 7.00
C LEU A 56 -22.00 7.20 7.16
N GLY A 57 -21.27 7.78 8.12
CA GLY A 57 -19.94 7.28 8.40
C GLY A 57 -19.86 6.82 9.84
N GLY A 58 -18.80 7.21 10.56
CA GLY A 58 -18.68 6.82 12.00
C GLY A 58 -19.87 7.25 12.83
N SER A 59 -20.24 6.43 13.80
CA SER A 59 -21.56 6.54 14.47
C SER A 59 -21.57 6.00 15.93
N TYR A 60 -21.06 4.76 16.13
CA TYR A 60 -21.09 4.09 17.41
C TYR A 60 -20.00 4.52 18.36
N VAL A 61 -20.41 4.65 19.61
CA VAL A 61 -19.52 4.88 20.72
C VAL A 61 -19.85 3.90 21.86
N GLY A 62 -18.89 3.64 22.75
CA GLY A 62 -19.18 2.72 23.86
C GLY A 62 -18.29 2.88 25.08
N PRO A 63 -18.49 2.02 26.10
CA PRO A 63 -17.65 2.04 27.32
C PRO A 63 -16.15 1.94 27.02
N THR A 64 -15.34 2.67 27.80
CA THR A 64 -13.88 2.84 27.61
C THR A 64 -13.48 3.87 26.57
N GLN A 65 -14.45 4.45 25.86
CA GLN A 65 -14.15 5.50 24.90
C GLN A 65 -14.39 6.84 25.59
N ASN A 66 -13.64 7.04 26.66
CA ASN A 66 -13.92 8.16 27.55
C ASN A 66 -13.69 9.56 26.96
N ARG A 67 -12.71 9.69 26.05
CA ARG A 67 -12.42 11.02 25.46
C ARG A 67 -13.51 11.55 24.53
N ILE A 68 -13.96 10.76 23.55
CA ILE A 68 -15.06 11.23 22.65
C ILE A 68 -16.32 11.46 23.51
N LEU A 69 -16.51 10.68 24.57
CA LEU A 69 -17.72 10.86 25.41
C LEU A 69 -17.66 12.21 26.17
N ARG A 70 -16.48 12.54 26.68
CA ARG A 70 -16.29 13.81 27.41
C ARG A 70 -16.40 14.95 26.42
N LEU A 71 -15.77 14.80 25.24
CA LEU A 71 -15.84 15.92 24.29
C LEU A 71 -17.28 16.18 23.90
N ALA A 72 -17.98 15.11 23.51
CA ALA A 72 -19.36 15.25 23.08
C ALA A 72 -20.26 15.82 24.21
N LYS A 73 -20.06 15.34 25.43
CA LYS A 73 -20.83 15.87 26.56
C LYS A 73 -20.59 17.37 26.74
N GLU A 74 -19.34 17.77 26.66
CA GLU A 74 -19.00 19.18 26.86
C GLU A 74 -19.65 20.07 25.78
N LEU A 75 -19.91 19.49 24.58
CA LEU A 75 -20.54 20.21 23.48
C LEU A 75 -22.09 20.18 23.59
N GLY A 76 -22.63 19.55 24.61
CA GLY A 76 -24.08 19.59 24.79
C GLY A 76 -24.81 18.39 24.16
N LEU A 77 -24.09 17.34 23.78
CA LEU A 77 -24.70 16.16 23.12
C LEU A 77 -25.06 15.05 24.13
N GLU A 78 -26.05 14.22 23.75
CA GLU A 78 -26.44 13.03 24.53
C GLU A 78 -26.27 11.76 23.68
N THR A 79 -26.20 10.59 24.34
CA THR A 79 -26.15 9.29 23.69
C THR A 79 -27.43 8.57 24.03
N TYR A 80 -27.69 7.50 23.29
CA TYR A 80 -28.76 6.54 23.59
C TYR A 80 -28.25 5.12 23.22
N LYS A 81 -28.92 4.11 23.72
CA LYS A 81 -28.46 2.76 23.56
C LYS A 81 -29.00 2.14 22.29
N VAL A 82 -28.12 1.57 21.49
CA VAL A 82 -28.52 0.68 20.37
C VAL A 82 -29.41 -0.48 20.90
N ASN A 83 -30.46 -0.82 20.17
CA ASN A 83 -31.39 -1.90 20.57
C ASN A 83 -30.75 -3.29 20.61
N GLU A 84 -30.68 -3.89 21.80
CA GLU A 84 -30.26 -5.28 21.95
C GLU A 84 -31.18 -6.06 22.90
N VAL A 85 -32.43 -5.62 23.07
CA VAL A 85 -33.36 -6.33 23.93
C VAL A 85 -33.68 -7.77 23.46
N GLU A 86 -34.05 -7.94 22.19
CA GLU A 86 -34.47 -9.29 21.69
C GLU A 86 -33.23 -10.13 21.23
N ARG A 87 -33.44 -11.26 20.54
CA ARG A 87 -32.35 -12.16 20.16
C ARG A 87 -31.50 -11.69 18.96
N LEU A 88 -30.21 -12.02 18.98
CA LEU A 88 -29.28 -11.81 17.86
C LEU A 88 -29.50 -12.99 16.91
N ILE A 89 -28.99 -12.92 15.69
CA ILE A 89 -29.10 -14.03 14.72
C ILE A 89 -27.75 -14.28 14.11
N HIS A 90 -27.37 -15.55 14.05
CA HIS A 90 -26.21 -15.98 13.30
C HIS A 90 -26.78 -16.75 12.10
N HIS A 91 -26.52 -16.26 10.88
CA HIS A 91 -27.00 -16.91 9.69
C HIS A 91 -25.78 -17.55 9.04
N VAL A 92 -25.84 -18.86 8.88
CA VAL A 92 -24.71 -19.59 8.34
C VAL A 92 -25.21 -20.82 7.52
N LYS A 93 -24.61 -21.02 6.35
CA LYS A 93 -25.02 -22.06 5.39
C LYS A 93 -26.54 -21.97 5.07
N GLY A 94 -27.02 -20.75 4.87
CA GLY A 94 -28.37 -20.55 4.42
C GLY A 94 -29.44 -20.67 5.49
N LYS A 95 -29.05 -20.79 6.79
CA LYS A 95 -29.99 -20.94 7.92
C LYS A 95 -29.71 -19.98 9.05
N SER A 96 -30.77 -19.58 9.73
CA SER A 96 -30.64 -18.63 10.86
C SER A 96 -30.80 -19.34 12.20
N TYR A 97 -29.95 -18.97 13.16
CA TYR A 97 -29.93 -19.55 14.52
C TYR A 97 -29.90 -18.39 15.50
N PRO A 98 -31.00 -18.16 16.20
CA PRO A 98 -31.06 -17.07 17.18
C PRO A 98 -30.25 -17.39 18.44
N PHE A 99 -29.76 -16.35 19.10
CA PHE A 99 -28.94 -16.58 20.28
C PHE A 99 -28.87 -15.31 21.11
N ARG A 100 -28.27 -15.43 22.30
CA ARG A 100 -27.96 -14.29 23.17
C ARG A 100 -26.54 -14.42 23.67
N GLY A 101 -25.93 -13.28 23.98
CA GLY A 101 -24.56 -13.32 24.43
C GLY A 101 -23.60 -12.82 23.37
N PRO A 102 -22.30 -12.78 23.71
CA PRO A 102 -21.30 -12.25 22.80
C PRO A 102 -21.03 -13.18 21.61
N PHE A 103 -21.23 -14.50 21.77
CA PHE A 103 -20.95 -15.43 20.68
C PHE A 103 -22.03 -16.46 20.45
N PRO A 104 -22.38 -16.73 19.16
CA PRO A 104 -23.35 -17.82 18.90
C PRO A 104 -22.86 -19.08 19.61
N PRO A 105 -23.80 -19.83 20.23
CA PRO A 105 -23.40 -21.03 20.96
C PRO A 105 -22.91 -22.13 19.99
N VAL A 106 -21.93 -22.91 20.44
CA VAL A 106 -21.35 -23.97 19.65
C VAL A 106 -21.50 -25.27 20.46
N TRP A 107 -22.15 -26.27 19.89
CA TRP A 107 -22.50 -27.48 20.64
C TRP A 107 -21.53 -28.67 20.50
N ASN A 108 -21.04 -28.90 19.29
CA ASN A 108 -20.04 -29.93 19.06
C ASN A 108 -18.79 -29.68 19.94
N PRO A 109 -18.43 -30.63 20.83
CA PRO A 109 -17.38 -30.35 21.80
C PRO A 109 -16.00 -30.07 21.17
N ILE A 110 -15.66 -30.74 20.07
CA ILE A 110 -14.38 -30.52 19.36
C ILE A 110 -14.36 -29.12 18.77
N THR A 111 -15.48 -28.79 18.12
CA THR A 111 -15.64 -27.48 17.52
C THR A 111 -15.63 -26.39 18.58
N TYR A 112 -16.27 -26.65 19.72
CA TYR A 112 -16.27 -25.71 20.84
C TYR A 112 -14.84 -25.43 21.31
N LEU A 113 -14.01 -26.47 21.38
CA LEU A 113 -12.61 -26.29 21.79
C LEU A 113 -11.87 -25.35 20.83
N ASP A 114 -12.11 -25.53 19.53
CA ASP A 114 -11.43 -24.75 18.51
C ASP A 114 -11.85 -23.26 18.56
N HIS A 115 -13.15 -23.01 18.68
CA HIS A 115 -13.70 -21.68 18.81
C HIS A 115 -13.17 -20.96 20.05
N ASN A 116 -13.17 -21.65 21.19
CA ASN A 116 -12.77 -21.06 22.44
C ASN A 116 -11.28 -20.67 22.37
N ASN A 117 -10.46 -21.59 21.87
CA ASN A 117 -9.05 -21.35 21.65
C ASN A 117 -8.78 -20.23 20.66
N PHE A 118 -9.63 -20.08 19.63
CA PHE A 118 -9.39 -18.99 18.67
C PHE A 118 -9.46 -17.61 19.37
N TRP A 119 -10.57 -17.31 20.03
CA TRP A 119 -10.76 -16.00 20.65
C TRP A 119 -9.70 -15.78 21.74
N ARG A 120 -9.52 -16.79 22.60
CA ARG A 120 -8.51 -16.80 23.64
C ARG A 120 -7.11 -16.45 23.09
N THR A 121 -6.70 -17.10 22.01
CA THR A 121 -5.35 -16.91 21.46
C THR A 121 -5.16 -15.51 20.85
N MET A 122 -6.19 -14.99 20.18
CA MET A 122 -6.14 -13.59 19.71
C MET A 122 -5.80 -12.63 20.88
N ASP A 123 -6.48 -12.83 22.00
CA ASP A 123 -6.24 -12.01 23.18
C ASP A 123 -4.90 -12.31 23.84
N ASP A 124 -4.50 -13.58 23.90
CA ASP A 124 -3.18 -13.97 24.37
C ASP A 124 -2.04 -13.32 23.56
N MET A 125 -2.09 -13.44 22.25
CA MET A 125 -1.09 -12.82 21.39
C MET A 125 -1.12 -11.30 21.62
N GLY A 126 -2.31 -10.74 21.74
CA GLY A 126 -2.48 -9.30 21.89
C GLY A 126 -1.79 -8.70 23.10
N ARG A 127 -1.83 -9.41 24.22
CA ARG A 127 -1.10 -8.98 25.43
C ARG A 127 0.42 -8.94 25.29
N GLU A 128 0.98 -9.59 24.26
CA GLU A 128 2.44 -9.47 24.01
C GLU A 128 2.83 -8.15 23.29
N ILE A 129 1.85 -7.35 22.91
CA ILE A 129 2.05 -6.26 21.97
C ILE A 129 1.80 -4.92 22.65
N PRO A 130 2.86 -4.10 22.84
CA PRO A 130 2.59 -2.76 23.46
C PRO A 130 1.70 -1.89 22.58
N SER A 131 0.71 -1.28 23.20
CA SER A 131 -0.24 -0.42 22.50
C SER A 131 0.43 0.76 21.80
N ASP A 132 1.51 1.28 22.39
CA ASP A 132 2.19 2.44 21.84
C ASP A 132 3.38 2.11 20.98
N ALA A 133 3.67 0.83 20.80
CA ALA A 133 4.85 0.43 20.03
C ALA A 133 4.69 -1.02 19.61
N PRO A 134 3.74 -1.29 18.70
CA PRO A 134 3.49 -2.75 18.35
C PRO A 134 4.72 -3.47 17.77
N TRP A 135 5.63 -2.72 17.16
CA TRP A 135 6.90 -3.29 16.64
C TRP A 135 7.86 -3.78 17.76
N LYS A 136 7.57 -3.48 19.04
CA LYS A 136 8.39 -4.03 20.15
C LYS A 136 7.91 -5.37 20.69
N ALA A 137 6.82 -5.91 20.16
CA ALA A 137 6.41 -7.28 20.53
C ALA A 137 7.61 -8.26 20.31
N PRO A 138 7.80 -9.22 21.25
CA PRO A 138 8.95 -10.17 21.08
C PRO A 138 8.99 -10.88 19.71
N LEU A 139 7.83 -11.27 19.17
CA LEU A 139 7.75 -11.95 17.86
C LEU A 139 7.22 -11.00 16.76
N ALA A 140 7.53 -9.70 16.89
CA ALA A 140 6.91 -8.71 16.04
C ALA A 140 7.22 -9.08 14.59
N GLU A 141 8.48 -9.37 14.27
CA GLU A 141 8.78 -9.66 12.89
C GLU A 141 8.09 -10.93 12.35
N GLU A 142 8.10 -12.00 13.10
CA GLU A 142 7.41 -13.21 12.63
C GLU A 142 5.90 -12.94 12.43
N TRP A 143 5.28 -12.19 13.34
CA TRP A 143 3.83 -11.95 13.18
C TRP A 143 3.56 -10.97 12.07
N ASP A 144 4.47 -10.03 11.83
CA ASP A 144 4.24 -9.05 10.77
C ASP A 144 4.48 -9.61 9.36
N ASN A 145 5.29 -10.67 9.27
CA ASN A 145 5.59 -11.26 7.99
C ASN A 145 4.53 -12.29 7.48
N MET A 146 3.38 -12.38 8.18
CA MET A 146 2.26 -13.30 7.85
C MET A 146 1.04 -12.43 7.67
N THR A 147 0.11 -12.86 6.84
CA THR A 147 -1.20 -12.23 6.79
C THR A 147 -2.12 -12.83 7.86
N MET A 148 -3.25 -12.17 8.14
CA MET A 148 -4.30 -12.80 8.94
C MET A 148 -4.76 -14.14 8.37
N LYS A 149 -4.80 -14.29 7.05
CA LYS A 149 -5.24 -15.53 6.43
C LYS A 149 -4.31 -16.71 6.83
N GLU A 150 -2.99 -16.51 6.74
CA GLU A 150 -2.03 -17.52 7.17
C GLU A 150 -2.18 -17.84 8.67
N LEU A 151 -2.35 -16.81 9.52
CA LEU A 151 -2.54 -17.07 10.97
C LEU A 151 -3.81 -17.88 11.24
N LEU A 152 -4.91 -17.54 10.58
CA LEU A 152 -6.15 -18.35 10.69
C LEU A 152 -5.99 -19.80 10.22
N ASP A 153 -5.26 -20.01 9.11
CA ASP A 153 -5.02 -21.37 8.58
C ASP A 153 -4.23 -22.22 9.59
N LYS A 154 -3.36 -21.60 10.38
CA LYS A 154 -2.56 -22.31 11.34
C LYS A 154 -3.30 -22.56 12.69
N LEU A 155 -4.20 -21.67 13.06
CA LEU A 155 -4.85 -21.70 14.36
C LEU A 155 -6.15 -22.48 14.39
N CYS A 156 -6.93 -22.40 13.32
CA CYS A 156 -8.30 -22.91 13.38
C CYS A 156 -8.27 -24.32 12.88
N TRP A 157 -8.69 -25.28 13.70
CA TRP A 157 -8.69 -26.69 13.26
C TRP A 157 -10.04 -27.16 12.71
N THR A 158 -11.02 -26.25 12.69
CA THR A 158 -12.30 -26.49 12.03
C THR A 158 -12.61 -25.34 11.06
N GLU A 159 -13.39 -25.64 10.00
CA GLU A 159 -13.82 -24.63 9.04
C GLU A 159 -14.75 -23.65 9.71
N SER A 160 -15.55 -24.15 10.62
CA SER A 160 -16.51 -23.34 11.36
C SER A 160 -15.81 -22.15 12.09
N ALA A 161 -14.71 -22.42 12.78
CA ALA A 161 -13.98 -21.36 13.48
C ALA A 161 -13.32 -20.42 12.45
N LYS A 162 -12.74 -21.02 11.41
CA LYS A 162 -12.05 -20.26 10.38
C LYS A 162 -12.98 -19.24 9.69
N GLN A 163 -14.20 -19.68 9.43
CA GLN A 163 -15.23 -18.82 8.79
C GLN A 163 -15.78 -17.69 9.66
N LEU A 164 -16.03 -17.98 10.94
CA LEU A 164 -16.41 -16.96 11.88
C LEU A 164 -15.29 -15.90 12.07
N ALA A 165 -14.06 -16.36 12.25
CA ALA A 165 -12.88 -15.50 12.33
C ALA A 165 -12.69 -14.61 11.10
N THR A 166 -12.88 -15.18 9.91
CA THR A 166 -12.77 -14.44 8.63
C THR A 166 -13.77 -13.30 8.60
N LEU A 167 -15.02 -13.60 8.97
CA LEU A 167 -16.02 -12.60 9.03
C LEU A 167 -15.65 -11.49 10.06
N PHE A 168 -15.15 -11.88 11.23
CA PHE A 168 -14.72 -10.93 12.26
C PHE A 168 -13.62 -9.99 11.71
N VAL A 169 -12.63 -10.54 11.02
CA VAL A 169 -11.58 -9.68 10.43
C VAL A 169 -12.21 -8.70 9.41
N ASN A 170 -13.05 -9.19 8.49
CA ASN A 170 -13.61 -8.31 7.44
C ASN A 170 -14.38 -7.20 8.10
N LEU A 171 -15.05 -7.50 9.21
CA LEU A 171 -15.98 -6.57 9.82
C LEU A 171 -15.20 -5.52 10.63
N CYS A 172 -14.16 -5.96 11.33
CA CYS A 172 -13.32 -5.07 12.11
C CYS A 172 -12.53 -4.04 11.31
N VAL A 173 -11.97 -4.43 10.15
CA VAL A 173 -10.98 -3.60 9.43
C VAL A 173 -11.31 -3.46 7.90
N THR A 174 -12.53 -3.86 7.50
CA THR A 174 -13.03 -3.63 6.14
C THR A 174 -12.00 -4.07 5.10
N ALA A 175 -11.34 -5.17 5.42
CA ALA A 175 -10.41 -5.74 4.50
C ALA A 175 -10.40 -7.28 4.58
N GLU A 176 -9.81 -7.90 3.58
CA GLU A 176 -9.76 -9.36 3.50
C GLU A 176 -8.64 -9.84 4.40
N THR A 177 -8.75 -11.07 4.85
CA THR A 177 -7.72 -11.67 5.71
C THR A 177 -6.37 -11.77 5.04
N HIS A 178 -6.31 -12.00 3.73
CA HIS A 178 -5.02 -12.05 2.99
C HIS A 178 -4.38 -10.67 2.70
N GLU A 179 -5.09 -9.55 2.97
CA GLU A 179 -4.60 -8.20 2.70
C GLU A 179 -3.85 -7.63 3.89
N VAL A 180 -4.20 -8.10 5.09
CA VAL A 180 -3.67 -7.49 6.31
C VAL A 180 -2.56 -8.29 7.08
N SER A 181 -1.61 -7.55 7.62
CA SER A 181 -0.63 -8.10 8.54
C SER A 181 -1.31 -8.71 9.79
N ALA A 182 -0.86 -9.92 10.20
CA ALA A 182 -1.26 -10.52 11.49
C ALA A 182 -0.85 -9.68 12.68
N LEU A 183 0.41 -9.23 12.75
CA LEU A 183 0.85 -8.32 13.84
C LEU A 183 -0.04 -7.06 13.94
N TRP A 184 -0.29 -6.40 12.80
CA TRP A 184 -1.14 -5.20 12.85
C TRP A 184 -2.59 -5.49 13.32
N PHE A 185 -3.23 -6.55 12.82
CA PHE A 185 -4.61 -6.81 13.18
C PHE A 185 -4.70 -7.14 14.69
N LEU A 186 -3.73 -7.93 15.19
CA LEU A 186 -3.68 -8.32 16.58
C LEU A 186 -3.45 -7.09 17.50
N TRP A 187 -2.60 -6.17 17.07
CA TRP A 187 -2.45 -4.90 17.76
C TRP A 187 -3.77 -4.16 17.77
N TYR A 188 -4.40 -4.07 16.58
CA TYR A 188 -5.58 -3.24 16.42
C TYR A 188 -6.74 -3.69 17.39
N VAL A 189 -6.95 -5.00 17.52
CA VAL A 189 -7.94 -5.53 18.41
C VAL A 189 -7.55 -5.32 19.89
N LYS A 190 -6.28 -5.56 20.24
CA LYS A 190 -5.86 -5.35 21.63
C LYS A 190 -5.94 -3.88 22.08
N GLN A 191 -5.66 -2.95 21.18
CA GLN A 191 -5.66 -1.53 21.59
C GLN A 191 -7.09 -0.98 21.69
N CYS A 192 -8.08 -1.77 21.25
CA CYS A 192 -9.48 -1.45 21.54
C CYS A 192 -9.99 -2.19 22.78
N GLY A 193 -9.11 -2.88 23.54
CA GLY A 193 -9.55 -3.60 24.76
C GLY A 193 -9.82 -5.11 24.56
N GLY A 194 -9.61 -5.63 23.35
CA GLY A 194 -9.79 -7.06 23.11
C GLY A 194 -11.03 -7.50 22.34
N THR A 195 -11.13 -8.82 22.07
CA THR A 195 -12.17 -9.32 21.17
C THR A 195 -13.57 -9.05 21.65
N THR A 196 -13.85 -9.33 22.92
CA THR A 196 -15.20 -9.06 23.47
C THR A 196 -15.55 -7.59 23.44
N ARG A 197 -14.65 -6.72 23.91
CA ARG A 197 -14.94 -5.31 23.94
C ARG A 197 -15.20 -4.82 22.53
N ILE A 198 -14.41 -5.29 21.59
CA ILE A 198 -14.53 -4.69 20.25
C ILE A 198 -15.77 -5.18 19.52
N ILE A 199 -16.16 -6.47 19.68
CA ILE A 199 -17.35 -6.98 19.02
C ILE A 199 -18.70 -6.67 19.65
N SER A 200 -18.75 -6.29 20.93
CA SER A 200 -20.04 -6.36 21.60
C SER A 200 -20.82 -5.07 21.35
N THR A 201 -22.13 -5.17 21.55
CA THR A 201 -22.99 -4.02 21.60
C THR A 201 -23.08 -3.57 23.07
N THR A 202 -23.93 -4.24 23.87
CA THR A 202 -23.91 -4.04 25.35
C THR A 202 -22.47 -4.26 25.87
N ASN A 203 -21.94 -3.27 26.61
CA ASN A 203 -20.57 -3.30 27.12
C ASN A 203 -19.42 -3.26 26.10
N GLY A 204 -19.70 -2.89 24.84
CA GLY A 204 -18.65 -2.79 23.86
C GLY A 204 -18.73 -1.60 22.92
N GLY A 205 -17.91 -1.67 21.85
CA GLY A 205 -17.80 -0.62 20.83
C GLY A 205 -19.12 -0.11 20.26
N GLN A 206 -20.12 -0.98 20.16
CA GLN A 206 -21.38 -0.62 19.47
C GLN A 206 -22.53 -0.28 20.42
N GLU A 207 -22.23 0.00 21.68
CA GLU A 207 -23.30 0.16 22.66
C GLU A 207 -24.23 1.32 22.36
N ARG A 208 -23.66 2.46 21.95
CA ARG A 208 -24.43 3.70 21.83
C ARG A 208 -24.22 4.50 20.50
N LYS A 209 -25.12 5.45 20.26
CA LYS A 209 -25.03 6.47 19.23
C LYS A 209 -25.36 7.85 19.83
N PHE A 210 -24.99 8.92 19.14
CA PHE A 210 -25.38 10.24 19.58
C PHE A 210 -26.76 10.60 19.09
N VAL A 211 -27.55 11.17 20.00
CA VAL A 211 -28.83 11.76 19.60
C VAL A 211 -28.55 12.86 18.63
N GLY A 212 -29.10 12.74 17.42
CA GLY A 212 -28.92 13.80 16.43
C GLY A 212 -27.77 13.54 15.45
N GLY A 213 -26.93 12.53 15.70
CA GLY A 213 -25.83 12.21 14.76
C GLY A 213 -24.46 12.64 15.27
N SER A 214 -23.44 11.87 14.92
CA SER A 214 -22.10 12.17 15.36
C SER A 214 -21.48 13.39 14.68
N GLY A 215 -22.03 13.76 13.53
CA GLY A 215 -21.49 14.89 12.77
C GLY A 215 -21.60 16.21 13.56
N GLN A 216 -22.48 16.25 14.54
CA GLN A 216 -22.63 17.42 15.41
C GLN A 216 -21.37 17.70 16.21
N VAL A 217 -20.57 16.67 16.49
CA VAL A 217 -19.31 16.92 17.20
C VAL A 217 -18.41 17.93 16.47
N SER A 218 -18.11 17.64 15.21
CA SER A 218 -17.31 18.56 14.41
C SER A 218 -18.04 19.89 14.13
N GLU A 219 -19.35 19.82 13.88
CA GLU A 219 -20.12 21.05 13.63
C GLU A 219 -20.10 22.01 14.85
N ARG A 220 -20.38 21.49 16.06
CA ARG A 220 -20.36 22.33 17.26
C ARG A 220 -18.96 22.93 17.52
N ILE A 221 -17.92 22.14 17.37
CA ILE A 221 -16.58 22.77 17.43
C ILE A 221 -16.39 23.87 16.38
N MET A 222 -16.82 23.63 15.14
CA MET A 222 -16.78 24.68 14.13
C MET A 222 -17.55 25.95 14.62
N ASP A 223 -18.71 25.76 15.26
CA ASP A 223 -19.47 26.91 15.82
C ASP A 223 -18.66 27.73 16.81
N LEU A 224 -17.96 27.07 17.75
CA LEU A 224 -17.10 27.72 18.75
C LEU A 224 -15.89 28.48 18.10
N LEU A 225 -15.34 27.94 17.02
CA LEU A 225 -14.14 28.50 16.37
C LEU A 225 -14.48 29.66 15.44
N GLY A 226 -15.77 29.78 15.11
CA GLY A 226 -16.26 30.76 14.11
C GLY A 226 -15.50 30.72 12.80
N ASP A 227 -14.95 31.86 12.42
CA ASP A 227 -14.35 31.96 11.09
C ASP A 227 -12.90 31.41 10.99
N ARG A 228 -12.40 30.81 12.05
CA ARG A 228 -11.10 30.16 12.01
C ARG A 228 -11.12 28.88 11.14
N VAL A 229 -12.30 28.33 10.86
CA VAL A 229 -12.43 27.18 9.99
C VAL A 229 -12.67 27.65 8.54
N LYS A 230 -11.73 27.27 7.66
CA LYS A 230 -11.81 27.57 6.24
C LYS A 230 -12.16 26.31 5.47
N LEU A 231 -13.38 26.35 4.93
CA LEU A 231 -13.95 25.26 4.12
C LEU A 231 -13.51 25.41 2.69
N GLU A 232 -13.40 24.28 2.00
CA GLU A 232 -12.94 24.26 0.61
C GLU A 232 -11.53 24.86 0.43
N ARG A 233 -10.63 24.49 1.36
CA ARG A 233 -9.23 24.82 1.29
C ARG A 233 -8.40 23.55 1.32
N PRO A 234 -8.36 22.80 0.21
CA PRO A 234 -7.49 21.64 0.23
C PRO A 234 -6.01 22.09 0.23
N VAL A 235 -5.20 21.53 1.13
CA VAL A 235 -3.79 21.88 1.23
C VAL A 235 -3.01 21.13 0.17
N ILE A 236 -2.18 21.88 -0.57
CA ILE A 236 -1.35 21.29 -1.64
C ILE A 236 0.16 21.36 -1.40
N TYR A 237 0.60 22.16 -0.43
CA TYR A 237 2.00 22.52 -0.33
C TYR A 237 2.36 22.99 1.07
N ILE A 238 3.41 22.38 1.60
CA ILE A 238 3.97 22.80 2.87
C ILE A 238 5.48 23.10 2.77
N ASP A 239 5.84 24.33 3.16
CA ASP A 239 7.20 24.79 3.03
C ASP A 239 7.73 25.13 4.44
N GLN A 240 8.75 24.38 4.86
CA GLN A 240 9.41 24.56 6.15
C GLN A 240 10.87 25.13 6.04
N THR A 241 11.27 25.68 4.91
CA THR A 241 12.66 26.14 4.73
C THR A 241 12.94 27.52 5.40
N ARG A 242 11.90 28.29 5.71
CA ARG A 242 12.05 29.61 6.34
C ARG A 242 11.68 29.59 7.82
N GLU A 243 11.73 30.76 8.46
CA GLU A 243 11.49 30.86 9.91
C GLU A 243 10.06 30.47 10.30
N ASN A 244 9.08 30.92 9.53
CA ASN A 244 7.68 30.46 9.69
C ASN A 244 7.31 29.42 8.59
N VAL A 245 6.42 28.50 8.96
CA VAL A 245 5.91 27.50 8.04
C VAL A 245 4.88 28.15 7.11
N LEU A 246 5.05 27.91 5.81
CA LEU A 246 4.07 28.32 4.79
C LEU A 246 3.22 27.12 4.34
N VAL A 247 1.91 27.26 4.43
CA VAL A 247 0.95 26.23 4.03
C VAL A 247 0.13 26.81 2.88
N GLU A 248 0.20 26.20 1.70
CA GLU A 248 -0.61 26.67 0.58
C GLU A 248 -1.82 25.78 0.24
N THR A 249 -2.93 26.43 -0.16
CA THR A 249 -4.14 25.76 -0.53
C THR A 249 -4.35 25.76 -2.08
N LEU A 250 -5.22 24.87 -2.55
CA LEU A 250 -5.56 24.73 -3.96
C LEU A 250 -6.28 25.96 -4.55
N ASN A 251 -7.10 26.64 -3.73
CA ASN A 251 -7.79 27.86 -4.21
C ASN A 251 -6.92 29.11 -4.04
N HIS A 252 -5.59 28.91 -4.11
CA HIS A 252 -4.60 29.98 -4.11
C HIS A 252 -4.53 30.90 -2.85
N GLU A 253 -4.51 30.32 -1.66
CA GLU A 253 -4.33 31.08 -0.43
C GLU A 253 -3.08 30.56 0.27
N MET A 254 -2.40 31.45 0.98
CA MET A 254 -1.20 31.11 1.73
C MET A 254 -1.45 31.34 3.19
N TYR A 255 -1.09 30.38 4.05
CA TYR A 255 -1.17 30.62 5.49
C TYR A 255 0.21 30.48 6.12
N GLU A 256 0.51 31.34 7.09
CA GLU A 256 1.81 31.30 7.70
C GLU A 256 1.66 30.98 9.22
N ALA A 257 2.47 30.06 9.74
CA ALA A 257 2.28 29.62 11.13
C ALA A 257 3.58 29.23 11.79
N LYS A 258 3.56 29.04 13.12
CA LYS A 258 4.73 28.49 13.79
C LYS A 258 4.80 26.95 13.64
N TYR A 259 3.63 26.29 13.64
CA TYR A 259 3.55 24.82 13.62
C TYR A 259 2.35 24.37 12.82
N VAL A 260 2.41 23.15 12.33
CA VAL A 260 1.29 22.57 11.57
C VAL A 260 0.92 21.26 12.24
N ILE A 261 -0.37 21.01 12.41
CA ILE A 261 -0.81 19.67 12.72
C ILE A 261 -1.43 19.08 11.41
N SER A 262 -0.93 17.93 11.00
CA SER A 262 -1.56 17.18 9.90
C SER A 262 -2.58 16.19 10.52
N ALA A 263 -3.88 16.43 10.35
CA ALA A 263 -4.89 15.60 10.98
C ALA A 263 -5.72 14.85 9.87
N ILE A 264 -5.03 14.36 8.84
CA ILE A 264 -5.61 13.62 7.73
C ILE A 264 -5.10 12.15 7.77
N PRO A 265 -5.82 11.19 7.13
CA PRO A 265 -5.29 9.81 7.08
C PRO A 265 -3.87 9.82 6.51
N PRO A 266 -2.97 8.97 7.03
CA PRO A 266 -1.55 9.04 6.64
C PRO A 266 -1.30 9.03 5.15
N THR A 267 -1.93 8.15 4.39
CA THR A 267 -1.70 8.17 2.95
C THR A 267 -2.18 9.43 2.24
N LEU A 268 -3.22 10.14 2.73
CA LEU A 268 -3.60 11.43 2.10
C LEU A 268 -2.50 12.51 2.24
N GLY A 269 -1.49 12.26 3.10
CA GLY A 269 -0.31 13.14 3.08
C GLY A 269 0.37 13.19 1.68
N MET A 270 0.11 12.21 0.81
N MET A 270 0.11 12.21 0.81
CA MET A 270 0.65 12.22 -0.56
CA MET A 270 0.65 12.22 -0.55
C MET A 270 0.10 13.37 -1.39
C MET A 270 0.09 13.35 -1.41
N LYS A 271 -1.04 13.92 -0.99
CA LYS A 271 -1.69 14.98 -1.77
C LYS A 271 -0.98 16.33 -1.56
N ILE A 272 0.03 16.34 -0.70
CA ILE A 272 0.74 17.56 -0.32
C ILE A 272 2.16 17.43 -0.82
N HIS A 273 2.63 18.48 -1.48
CA HIS A 273 4.01 18.54 -1.98
C HIS A 273 4.84 19.22 -0.88
N PHE A 274 5.94 18.61 -0.46
CA PHE A 274 6.67 19.12 0.72
C PHE A 274 8.00 19.69 0.28
N ASN A 275 8.37 20.79 0.94
CA ASN A 275 9.69 21.44 0.84
C ASN A 275 10.17 21.81 2.26
N PRO A 276 11.29 21.19 2.72
CA PRO A 276 12.06 20.25 1.89
C PRO A 276 11.34 18.87 1.83
N PRO A 277 11.82 17.94 1.00
CA PRO A 277 11.12 16.65 0.83
C PRO A 277 11.02 15.94 2.20
N LEU A 278 9.97 15.14 2.43
CA LEU A 278 9.92 14.30 3.67
C LEU A 278 11.20 13.44 3.78
N PRO A 279 11.61 13.10 5.03
CA PRO A 279 12.67 12.09 5.15
C PRO A 279 12.18 10.77 4.55
N MET A 280 13.15 9.94 4.17
CA MET A 280 12.92 8.67 3.47
C MET A 280 11.84 7.77 4.05
N MET A 281 11.87 7.53 5.36
CA MET A 281 10.94 6.62 6.00
C MET A 281 9.48 7.10 5.89
N ARG A 282 9.23 8.36 6.21
CA ARG A 282 7.86 8.84 6.00
C ARG A 282 7.44 8.87 4.50
N ASN A 283 8.35 9.34 3.65
CA ASN A 283 8.15 9.38 2.19
C ASN A 283 7.61 8.06 1.60
N GLN A 284 8.21 6.93 1.99
CA GLN A 284 7.72 5.63 1.61
C GLN A 284 6.51 5.13 2.43
N MET A 285 6.47 5.43 3.74
CA MET A 285 5.39 4.94 4.60
C MET A 285 4.03 5.35 4.01
N ILE A 286 3.89 6.60 3.54
CA ILE A 286 2.57 7.14 3.12
C ILE A 286 2.05 6.52 1.80
N THR A 287 2.88 5.70 1.16
CA THR A 287 2.49 4.95 -0.06
C THR A 287 2.15 3.52 0.29
N ARG A 288 2.27 3.17 1.59
CA ARG A 288 2.16 1.76 2.03
C ARG A 288 0.95 1.48 2.92
N VAL A 289 0.04 2.46 3.08
CA VAL A 289 -0.98 2.34 4.15
C VAL A 289 -2.34 2.74 3.60
N PRO A 290 -2.99 1.79 2.90
CA PRO A 290 -4.30 2.02 2.28
C PRO A 290 -5.40 2.02 3.33
N LEU A 291 -6.57 2.61 3.01
CA LEU A 291 -7.77 2.43 3.88
C LEU A 291 -8.65 1.30 3.31
N GLY A 292 -9.51 0.74 4.18
CA GLY A 292 -10.44 -0.35 3.81
C GLY A 292 -11.61 0.09 2.94
N SER A 293 -12.50 -0.85 2.61
CA SER A 293 -13.56 -0.61 1.66
C SER A 293 -14.88 -1.00 2.29
N VAL A 294 -15.86 -0.08 2.23
CA VAL A 294 -17.12 -0.36 2.87
C VAL A 294 -18.21 0.56 2.26
N ILE A 295 -19.42 0.03 2.11
CA ILE A 295 -20.62 0.83 1.82
C ILE A 295 -21.50 0.65 3.06
N LYS A 296 -21.94 1.76 3.62
CA LYS A 296 -22.82 1.69 4.79
C LYS A 296 -24.19 1.91 4.24
N CYS A 297 -25.13 1.00 4.52
CA CYS A 297 -26.47 1.03 3.94
C CYS A 297 -27.55 1.04 5.01
N ILE A 298 -28.52 1.93 4.87
CA ILE A 298 -29.65 1.89 5.85
C ILE A 298 -31.00 1.75 5.12
N VAL A 299 -31.74 0.69 5.45
CA VAL A 299 -33.03 0.41 4.81
C VAL A 299 -34.11 0.71 5.85
N TYR A 300 -35.07 1.59 5.51
CA TYR A 300 -36.15 2.04 6.43
C TYR A 300 -37.44 1.27 6.19
N TYR A 301 -38.23 1.10 7.26
CA TYR A 301 -39.46 0.32 7.20
C TYR A 301 -40.53 1.05 7.97
N LYS A 302 -41.79 0.69 7.76
CA LYS A 302 -42.92 1.34 8.48
C LYS A 302 -42.80 1.12 9.99
N GLU A 303 -42.35 -0.08 10.39
CA GLU A 303 -42.26 -0.44 11.79
C GLU A 303 -41.06 -1.36 12.02
N PRO A 304 -40.58 -1.45 13.27
CA PRO A 304 -39.47 -2.35 13.48
C PRO A 304 -40.02 -3.76 13.67
N PHE A 305 -40.48 -4.36 12.57
CA PHE A 305 -41.22 -5.63 12.57
C PHE A 305 -40.42 -6.82 13.18
N TRP A 306 -39.10 -6.77 13.14
CA TRP A 306 -38.24 -7.88 13.62
C TRP A 306 -38.35 -8.08 15.13
N ARG A 307 -38.57 -6.96 15.83
CA ARG A 307 -38.77 -6.99 17.29
C ARG A 307 -39.96 -7.84 17.68
N LYS A 308 -41.01 -7.81 16.86
CA LYS A 308 -42.19 -8.65 17.14
C LYS A 308 -41.95 -10.16 16.97
N LYS A 309 -40.91 -10.53 16.21
CA LYS A 309 -40.42 -11.91 16.12
C LYS A 309 -39.41 -12.25 17.17
N ASP A 310 -39.21 -11.30 18.10
CA ASP A 310 -38.20 -11.44 19.15
C ASP A 310 -36.76 -11.46 18.53
N TYR A 311 -36.52 -10.61 17.53
CA TYR A 311 -35.18 -10.36 17.00
C TYR A 311 -34.78 -8.92 17.25
N CYS A 312 -33.59 -8.64 17.81
CA CYS A 312 -33.24 -7.21 18.06
C CYS A 312 -32.79 -6.49 16.80
N GLY A 313 -32.44 -7.25 15.76
CA GLY A 313 -32.05 -6.66 14.48
C GLY A 313 -30.55 -6.81 14.21
N THR A 314 -29.81 -7.36 15.17
CA THR A 314 -28.42 -7.73 14.98
C THR A 314 -28.32 -9.06 14.25
N MET A 315 -27.58 -9.10 13.13
CA MET A 315 -27.44 -10.31 12.31
C MET A 315 -25.97 -10.45 11.93
N ILE A 316 -25.40 -11.65 12.13
CA ILE A 316 -24.10 -12.01 11.66
C ILE A 316 -24.37 -12.96 10.50
N ILE A 317 -24.01 -12.54 9.30
CA ILE A 317 -24.48 -13.23 8.10
C ILE A 317 -23.28 -13.70 7.31
N ASP A 318 -23.06 -14.99 7.31
CA ASP A 318 -21.95 -15.59 6.66
C ASP A 318 -22.36 -16.09 5.26
N GLY A 319 -21.47 -16.01 4.30
CA GLY A 319 -21.80 -16.53 2.95
C GLY A 319 -21.40 -15.55 1.87
N GLU A 320 -20.73 -16.10 0.86
CA GLU A 320 -20.31 -15.33 -0.31
C GLU A 320 -21.48 -14.60 -0.96
N GLU A 321 -22.67 -15.19 -0.97
CA GLU A 321 -23.80 -14.52 -1.65
C GLU A 321 -24.47 -13.41 -0.85
N ALA A 322 -24.25 -13.39 0.45
CA ALA A 322 -24.78 -12.33 1.22
C ALA A 322 -23.98 -11.01 0.97
N PRO A 323 -24.64 -10.03 0.33
CA PRO A 323 -24.00 -8.71 0.19
C PRO A 323 -23.58 -8.06 1.55
N VAL A 324 -24.37 -8.25 2.61
CA VAL A 324 -24.11 -7.60 3.89
C VAL A 324 -23.76 -8.66 4.91
N ALA A 325 -22.65 -8.53 5.63
CA ALA A 325 -22.29 -9.55 6.62
C ALA A 325 -22.64 -9.22 8.07
N TYR A 326 -23.06 -7.99 8.32
CA TYR A 326 -23.42 -7.59 9.67
C TYR A 326 -24.42 -6.44 9.67
N THR A 327 -25.46 -6.51 10.51
CA THR A 327 -26.44 -5.48 10.63
C THR A 327 -26.70 -5.13 12.11
N LEU A 328 -27.33 -3.95 12.35
CA LEU A 328 -27.79 -3.54 13.69
C LEU A 328 -29.09 -2.79 13.47
N ASP A 329 -29.95 -2.79 14.47
CA ASP A 329 -31.18 -2.02 14.45
C ASP A 329 -30.76 -0.55 14.47
N ASP A 330 -31.28 0.24 13.52
CA ASP A 330 -30.98 1.67 13.48
C ASP A 330 -32.20 2.60 13.73
N THR A 331 -33.28 2.01 14.27
CA THR A 331 -34.48 2.72 14.73
C THR A 331 -34.13 3.85 15.71
N LYS A 332 -34.83 4.99 15.61
CA LYS A 332 -34.57 6.11 16.53
C LYS A 332 -34.95 5.69 17.96
N PRO A 333 -34.32 6.32 18.98
CA PRO A 333 -34.66 5.97 20.38
C PRO A 333 -36.16 6.12 20.68
N GLU A 334 -36.88 6.97 19.94
CA GLU A 334 -38.32 7.20 20.19
C GLU A 334 -39.17 6.05 19.62
N GLY A 335 -38.50 5.20 18.82
CA GLY A 335 -39.13 4.02 18.27
C GLY A 335 -39.67 4.25 16.88
N ASN A 336 -39.51 5.45 16.32
CA ASN A 336 -39.92 5.73 14.93
C ASN A 336 -38.72 5.70 13.94
N TYR A 337 -38.99 5.91 12.64
CA TYR A 337 -38.00 5.78 11.55
C TYR A 337 -37.29 4.40 11.67
N ALA A 338 -38.09 3.36 11.84
CA ALA A 338 -37.59 1.97 11.89
C ALA A 338 -36.61 1.72 10.76
N ALA A 339 -35.46 1.15 11.06
CA ALA A 339 -34.41 1.02 10.06
C ALA A 339 -33.49 -0.13 10.42
N ILE A 340 -32.94 -0.78 9.40
CA ILE A 340 -31.83 -1.75 9.62
C ILE A 340 -30.57 -1.17 8.97
N MET A 341 -29.47 -1.07 9.71
CA MET A 341 -28.17 -0.60 9.13
C MET A 341 -27.30 -1.84 8.80
N GLY A 342 -26.67 -1.87 7.61
CA GLY A 342 -25.79 -3.00 7.31
C GLY A 342 -24.51 -2.49 6.63
N PHE A 343 -23.43 -3.23 6.79
CA PHE A 343 -22.16 -2.92 6.12
C PHE A 343 -21.90 -3.89 4.96
N ILE A 344 -21.59 -3.33 3.79
CA ILE A 344 -21.06 -4.17 2.71
C ILE A 344 -19.54 -4.03 2.74
N LEU A 345 -18.87 -5.18 2.93
CA LEU A 345 -17.43 -5.20 3.33
C LEU A 345 -16.38 -5.62 2.27
N ALA A 346 -15.25 -4.92 2.26
CA ALA A 346 -14.02 -5.40 1.59
C ALA A 346 -14.32 -5.73 0.15
N HIS A 347 -14.05 -6.97 -0.35
CA HIS A 347 -14.29 -7.22 -1.81
C HIS A 347 -15.72 -7.05 -2.26
N LYS A 348 -16.71 -7.19 -1.37
CA LYS A 348 -18.10 -6.98 -1.77
C LYS A 348 -18.48 -5.51 -1.99
N ALA A 349 -17.89 -4.57 -1.23
CA ALA A 349 -18.03 -3.16 -1.55
C ALA A 349 -17.60 -2.88 -3.00
N ARG A 350 -16.47 -3.45 -3.44
CA ARG A 350 -16.00 -3.27 -4.82
C ARG A 350 -16.93 -3.95 -5.85
N LYS A 351 -17.30 -5.19 -5.61
CA LYS A 351 -18.21 -5.93 -6.46
C LYS A 351 -19.60 -5.26 -6.60
N LEU A 352 -20.25 -4.93 -5.50
CA LEU A 352 -21.61 -4.40 -5.57
C LEU A 352 -21.74 -2.89 -5.94
N ALA A 353 -20.62 -2.16 -5.96
CA ALA A 353 -20.62 -0.78 -6.40
C ALA A 353 -20.97 -0.67 -7.89
N ARG A 354 -20.89 -1.76 -8.64
CA ARG A 354 -21.19 -1.78 -10.09
C ARG A 354 -22.70 -1.67 -10.30
N LEU A 355 -23.46 -2.01 -9.26
CA LEU A 355 -24.90 -2.03 -9.39
C LEU A 355 -25.46 -0.65 -9.20
N THR A 356 -26.72 -0.46 -9.56
CA THR A 356 -27.38 0.80 -9.15
C THR A 356 -27.85 0.73 -7.66
N LYS A 357 -28.16 1.89 -7.11
CA LYS A 357 -28.72 2.03 -5.81
C LYS A 357 -30.00 1.18 -5.63
N GLU A 358 -30.88 1.18 -6.62
CA GLU A 358 -32.12 0.39 -6.56
C GLU A 358 -31.88 -1.09 -6.56
N GLU A 359 -30.86 -1.52 -7.30
CA GLU A 359 -30.47 -2.94 -7.33
C GLU A 359 -29.79 -3.35 -6.02
N ARG A 360 -28.96 -2.51 -5.42
CA ARG A 360 -28.41 -2.84 -4.08
C ARG A 360 -29.55 -2.93 -3.04
N LEU A 361 -30.52 -2.01 -3.09
CA LEU A 361 -31.66 -2.06 -2.14
C LEU A 361 -32.43 -3.39 -2.27
N LYS A 362 -32.70 -3.80 -3.52
CA LYS A 362 -33.32 -5.09 -3.82
C LYS A 362 -32.61 -6.28 -3.18
N LYS A 363 -31.30 -6.38 -3.42
CA LYS A 363 -30.48 -7.46 -2.89
C LYS A 363 -30.48 -7.46 -1.34
N LEU A 364 -30.48 -6.28 -0.71
CA LEU A 364 -30.45 -6.24 0.76
C LEU A 364 -31.79 -6.68 1.31
N CYS A 365 -32.90 -6.20 0.75
CA CYS A 365 -34.24 -6.62 1.25
C CYS A 365 -34.45 -8.13 1.12
N GLU A 366 -34.00 -8.72 0.02
CA GLU A 366 -34.19 -10.17 -0.22
C GLU A 366 -33.34 -10.95 0.75
N LEU A 367 -32.18 -10.40 1.10
CA LEU A 367 -31.34 -11.02 2.11
C LEU A 367 -31.99 -10.97 3.52
N TYR A 368 -32.47 -9.79 3.89
CA TYR A 368 -33.10 -9.58 5.19
C TYR A 368 -34.38 -10.40 5.30
N ALA A 369 -35.15 -10.44 4.24
CA ALA A 369 -36.35 -11.31 4.22
C ALA A 369 -35.97 -12.75 4.58
N LYS A 370 -34.92 -13.30 3.96
CA LYS A 370 -34.49 -14.70 4.21
C LYS A 370 -33.91 -14.85 5.64
N VAL A 371 -33.04 -13.96 6.04
CA VAL A 371 -32.41 -14.07 7.37
C VAL A 371 -33.43 -13.95 8.52
N LEU A 372 -34.34 -12.99 8.40
CA LEU A 372 -35.40 -12.76 9.42
C LEU A 372 -36.65 -13.65 9.21
N GLY A 373 -36.66 -14.48 8.17
CA GLY A 373 -37.86 -15.29 7.82
C GLY A 373 -39.10 -14.41 7.71
N SER A 374 -38.96 -13.26 7.08
CA SER A 374 -40.03 -12.21 7.08
C SER A 374 -40.26 -11.53 5.74
N LEU A 375 -41.41 -11.79 5.14
CA LEU A 375 -41.81 -11.05 3.92
C LEU A 375 -41.92 -9.52 4.10
N GLU A 376 -42.23 -9.01 5.29
CA GLU A 376 -42.24 -7.53 5.50
C GLU A 376 -40.92 -6.84 5.12
N ALA A 377 -39.82 -7.58 5.17
CA ALA A 377 -38.49 -7.04 4.79
C ALA A 377 -38.46 -6.67 3.32
N LEU A 378 -39.41 -7.18 2.54
CA LEU A 378 -39.47 -6.84 1.09
C LEU A 378 -40.22 -5.50 0.87
N GLU A 379 -40.67 -4.83 1.94
CA GLU A 379 -41.45 -3.58 1.77
C GLU A 379 -40.76 -2.33 2.33
N PRO A 380 -39.52 -2.04 1.89
CA PRO A 380 -38.88 -0.86 2.44
C PRO A 380 -39.64 0.44 2.11
N VAL A 381 -39.52 1.46 2.98
CA VAL A 381 -40.15 2.79 2.68
C VAL A 381 -39.16 3.84 2.25
N HIS A 382 -37.86 3.59 2.49
CA HIS A 382 -36.78 4.51 2.14
C HIS A 382 -35.41 3.77 2.24
N TYR A 383 -34.36 4.40 1.72
CA TYR A 383 -33.05 3.80 1.62
C TYR A 383 -32.05 4.93 1.57
N GLU A 384 -30.99 4.83 2.36
CA GLU A 384 -29.86 5.72 2.26
C GLU A 384 -28.62 4.85 2.30
N GLU A 385 -27.55 5.31 1.67
CA GLU A 385 -26.29 4.56 1.61
C GLU A 385 -25.14 5.55 1.33
N LYS A 386 -23.93 5.15 1.68
CA LYS A 386 -22.77 5.86 1.25
C LYS A 386 -21.60 4.89 1.00
N ASN A 387 -21.02 4.93 -0.21
CA ASN A 387 -19.78 4.14 -0.52
C ASN A 387 -18.57 5.02 -0.23
N TRP A 388 -17.80 4.70 0.83
CA TRP A 388 -16.66 5.53 1.24
C TRP A 388 -15.41 5.37 0.33
N CYS A 389 -15.37 4.30 -0.47
CA CYS A 389 -14.29 4.03 -1.43
C CYS A 389 -14.15 5.13 -2.48
N GLU A 390 -15.21 5.91 -2.70
CA GLU A 390 -15.15 6.94 -3.73
C GLU A 390 -14.70 8.33 -3.21
N GLU A 391 -14.40 8.46 -1.91
CA GLU A 391 -14.03 9.74 -1.32
C GLU A 391 -12.54 10.09 -1.54
N GLN A 392 -12.30 11.06 -2.41
CA GLN A 392 -10.95 11.62 -2.68
C GLN A 392 -10.30 12.07 -1.32
N TYR A 393 -11.09 12.66 -0.43
CA TYR A 393 -10.51 13.18 0.83
C TYR A 393 -10.68 12.28 2.03
N SER A 394 -11.07 11.01 1.79
CA SER A 394 -10.96 9.98 2.82
C SER A 394 -10.05 8.80 2.42
N GLY A 395 -10.22 8.30 1.18
CA GLY A 395 -9.48 7.11 0.68
C GLY A 395 -10.19 5.77 0.96
N GLY A 396 -11.18 5.77 1.88
CA GLY A 396 -11.94 4.56 2.31
C GLY A 396 -12.45 4.76 3.73
N CYS A 397 -12.91 3.66 4.37
CA CYS A 397 -13.32 3.59 5.77
C CYS A 397 -13.25 2.10 6.21
N TYR A 398 -13.23 1.80 7.52
CA TYR A 398 -13.27 2.85 8.62
C TYR A 398 -11.93 3.56 8.70
N THR A 399 -10.87 2.81 8.43
CA THR A 399 -9.56 3.29 8.76
C THR A 399 -8.47 2.64 7.91
N THR A 400 -7.26 3.05 8.21
CA THR A 400 -6.03 2.57 7.53
C THR A 400 -5.62 1.16 8.00
N TYR A 401 -5.40 0.22 7.08
CA TYR A 401 -4.82 -1.05 7.54
C TYR A 401 -3.33 -1.17 7.06
N PHE A 402 -2.57 -2.09 7.69
CA PHE A 402 -1.18 -2.32 7.31
C PHE A 402 -1.03 -3.68 6.67
N PRO A 403 -0.53 -3.73 5.44
CA PRO A 403 -0.24 -5.06 4.78
C PRO A 403 0.99 -5.70 5.43
N PRO A 404 1.22 -7.00 5.15
CA PRO A 404 2.36 -7.68 5.73
C PRO A 404 3.69 -6.92 5.55
N GLY A 405 4.39 -6.78 6.66
CA GLY A 405 5.77 -6.29 6.67
C GLY A 405 5.94 -4.81 6.89
N ILE A 406 4.84 -4.08 6.89
CA ILE A 406 4.92 -2.65 6.88
C ILE A 406 5.02 -2.08 8.29
N LEU A 407 4.24 -2.61 9.24
CA LEU A 407 4.18 -2.00 10.57
C LEU A 407 5.54 -2.09 11.27
N THR A 408 6.23 -3.22 11.16
CA THR A 408 7.57 -3.27 11.79
C THR A 408 8.60 -2.38 11.11
N GLN A 409 8.52 -2.18 9.80
CA GLN A 409 9.57 -1.41 9.10
C GLN A 409 9.31 0.09 9.17
N TYR A 410 8.04 0.50 9.21
CA TYR A 410 7.67 1.92 9.04
C TYR A 410 6.80 2.46 10.16
N GLY A 411 6.28 1.56 11.01
CA GLY A 411 5.40 1.92 12.12
C GLY A 411 5.93 3.03 13.03
N ARG A 412 7.20 2.98 13.38
CA ARG A 412 7.74 3.96 14.36
C ARG A 412 7.71 5.46 13.92
N VAL A 413 7.33 5.68 12.66
CA VAL A 413 7.33 6.98 12.06
C VAL A 413 5.93 7.59 11.96
N LEU A 414 4.87 6.78 12.15
CA LEU A 414 3.50 7.32 12.08
C LEU A 414 3.31 8.67 12.79
N ARG A 415 3.71 8.75 14.06
CA ARG A 415 3.54 10.02 14.78
C ARG A 415 4.83 10.81 15.12
N GLN A 416 5.93 10.41 14.52
CA GLN A 416 7.17 11.19 14.55
C GLN A 416 7.12 12.58 13.83
N PRO A 417 7.31 13.68 14.59
CA PRO A 417 7.22 15.01 14.02
C PRO A 417 8.23 15.16 12.86
N VAL A 418 7.87 15.95 11.85
CA VAL A 418 8.80 16.28 10.81
C VAL A 418 9.09 17.79 10.97
N ASP A 419 10.15 18.09 11.72
CA ASP A 419 10.58 19.50 11.99
C ASP A 419 9.43 20.19 12.78
N ARG A 420 8.60 21.00 12.12
CA ARG A 420 7.50 21.68 12.81
C ARG A 420 6.08 21.14 12.49
N ILE A 421 6.01 19.99 11.80
CA ILE A 421 4.72 19.32 11.51
C ILE A 421 4.56 18.22 12.52
N TYR A 422 3.42 18.21 13.20
CA TYR A 422 3.03 17.19 14.17
C TYR A 422 1.87 16.40 13.58
N PHE A 423 1.68 15.15 13.97
CA PHE A 423 0.69 14.28 13.29
C PHE A 423 -0.42 13.83 14.20
N ALA A 424 -1.65 14.19 13.89
CA ALA A 424 -2.80 13.72 14.67
C ALA A 424 -3.53 12.71 13.75
N GLY A 425 -4.87 12.62 13.85
CA GLY A 425 -5.69 11.69 13.06
C GLY A 425 -5.81 10.37 13.76
N THR A 426 -6.95 9.67 13.60
CA THR A 426 -7.18 8.52 14.47
C THR A 426 -6.07 7.43 14.30
N GLU A 427 -5.42 7.42 13.14
CA GLU A 427 -4.40 6.39 12.91
C GLU A 427 -3.20 6.38 13.86
N THR A 428 -2.97 7.54 14.50
CA THR A 428 -1.78 7.76 15.34
C THR A 428 -2.14 7.59 16.84
N ALA A 429 -3.40 7.27 17.14
CA ALA A 429 -3.83 6.93 18.52
C ALA A 429 -3.30 5.61 19.03
N THR A 430 -3.40 5.44 20.36
CA THR A 430 -2.93 4.24 21.05
C THR A 430 -4.11 3.53 21.77
N HIS A 431 -5.30 4.11 21.75
CA HIS A 431 -6.45 3.48 22.41
C HIS A 431 -7.67 3.81 21.53
N TRP A 432 -8.29 2.77 20.98
CA TRP A 432 -9.32 2.91 19.94
C TRP A 432 -8.84 3.67 18.70
N SER A 433 -7.61 3.42 18.30
CA SER A 433 -7.16 3.90 16.98
C SER A 433 -8.12 3.31 15.96
N GLY A 434 -8.49 4.09 14.92
CA GLY A 434 -9.47 3.69 13.91
C GLY A 434 -10.89 4.27 14.17
N TYR A 435 -11.10 4.76 15.39
CA TYR A 435 -12.43 5.20 15.87
C TYR A 435 -12.47 6.73 16.12
N MET A 436 -13.66 7.27 16.29
CA MET A 436 -13.75 8.70 16.68
C MET A 436 -13.02 8.95 18.02
N GLU A 437 -13.08 7.98 18.95
CA GLU A 437 -12.28 8.04 20.21
C GLU A 437 -10.79 8.24 19.97
N GLY A 438 -10.21 7.46 19.06
CA GLY A 438 -8.78 7.62 18.68
C GLY A 438 -8.49 8.98 18.05
N ALA A 439 -9.46 9.50 17.31
CA ALA A 439 -9.28 10.81 16.73
C ALA A 439 -9.11 11.90 17.80
N VAL A 440 -9.95 11.85 18.83
CA VAL A 440 -9.83 12.82 19.94
C VAL A 440 -8.49 12.67 20.66
N GLU A 441 -8.10 11.45 20.96
CA GLU A 441 -6.84 11.18 21.65
C GLU A 441 -5.70 11.74 20.84
N ALA A 442 -5.66 11.43 19.53
CA ALA A 442 -4.52 11.90 18.69
C ALA A 442 -4.53 13.42 18.49
N GLY A 443 -5.72 14.01 18.40
CA GLY A 443 -5.81 15.42 18.08
C GLY A 443 -5.32 16.20 19.28
N GLU A 444 -5.82 15.84 20.46
CA GLU A 444 -5.35 16.49 21.69
C GLU A 444 -3.87 16.22 22.05
N ARG A 445 -3.36 15.01 21.78
CA ARG A 445 -1.95 14.73 22.05
C ARG A 445 -1.05 15.57 21.13
N ALA A 446 -1.38 15.68 19.85
CA ALA A 446 -0.58 16.50 18.93
C ALA A 446 -0.62 18.00 19.32
N ALA A 447 -1.80 18.49 19.72
CA ALA A 447 -1.93 19.85 20.20
C ALA A 447 -0.99 20.07 21.41
N ARG A 448 -0.95 19.13 22.37
CA ARG A 448 -0.07 19.30 23.51
C ARG A 448 1.42 19.12 23.14
N GLU A 449 1.72 18.33 22.11
CA GLU A 449 3.12 18.31 21.65
C GLU A 449 3.55 19.72 21.26
N ILE A 450 2.69 20.43 20.56
CA ILE A 450 2.98 21.81 20.21
C ILE A 450 3.06 22.76 21.46
N LEU A 451 2.10 22.66 22.37
CA LEU A 451 2.19 23.39 23.66
C LEU A 451 3.53 23.13 24.38
N HIS A 452 4.01 21.89 24.36
CA HIS A 452 5.30 21.57 24.96
C HIS A 452 6.47 22.22 24.20
N ALA A 453 6.42 22.24 22.87
CA ALA A 453 7.51 22.80 22.07
C ALA A 453 7.61 24.31 22.27
N MET A 454 6.49 24.94 22.55
CA MET A 454 6.45 26.38 22.81
C MET A 454 6.77 26.71 24.26
N GLY A 455 6.97 25.68 25.08
CA GLY A 455 7.38 25.84 26.48
C GLY A 455 6.22 26.17 27.40
N LYS A 456 5.01 25.83 26.97
CA LYS A 456 3.81 26.19 27.74
C LYS A 456 3.41 25.13 28.72
N ILE A 457 3.81 23.88 28.48
CA ILE A 457 3.54 22.80 29.43
C ILE A 457 4.78 21.95 29.58
N PRO A 458 4.96 21.26 30.72
CA PRO A 458 6.07 20.27 30.82
C PRO A 458 5.86 18.98 29.98
N GLU A 459 6.92 18.21 29.79
CA GLU A 459 6.89 17.06 28.92
C GLU A 459 5.88 15.97 29.37
N ASP A 460 5.70 15.83 30.67
CA ASP A 460 4.89 14.75 31.21
C ASP A 460 3.42 15.04 31.05
N GLU A 461 3.08 16.16 30.42
CA GLU A 461 1.71 16.53 30.19
C GLU A 461 1.26 16.31 28.73
N ILE A 462 2.19 15.90 27.87
CA ILE A 462 1.87 15.58 26.45
C ILE A 462 0.81 14.46 26.39
N TRP A 463 1.05 13.33 27.07
CA TRP A 463 0.11 12.21 27.16
C TRP A 463 -0.71 12.34 28.45
N GLN A 464 -2.03 12.35 28.35
CA GLN A 464 -2.85 12.64 29.50
C GLN A 464 -3.97 11.62 29.57
N SER A 465 -4.08 10.98 30.75
CA SER A 465 -5.13 9.99 30.99
C SER A 465 -6.51 10.67 31.07
N GLU A 466 -7.55 9.86 30.94
CA GLU A 466 -8.91 10.39 30.86
C GLU A 466 -9.75 9.74 31.94
N PRO A 467 -10.44 10.57 32.76
CA PRO A 467 -11.40 10.05 33.77
C PRO A 467 -12.46 9.20 33.07
N GLU A 468 -12.89 8.10 33.70
CA GLU A 468 -13.96 7.26 33.16
C GLU A 468 -15.31 8.03 33.11
N SER A 469 -16.08 7.89 32.02
CA SER A 469 -17.44 8.47 31.94
C SER A 469 -18.29 7.96 33.12
N VAL A 470 -19.07 8.84 33.73
CA VAL A 470 -20.03 8.43 34.75
C VAL A 470 -21.35 8.05 34.07
N ASP A 471 -21.55 8.49 32.84
CA ASP A 471 -22.75 8.14 32.07
C ASP A 471 -22.66 6.78 31.34
N VAL A 472 -21.46 6.38 30.89
CA VAL A 472 -21.26 5.13 30.18
C VAL A 472 -20.19 4.27 30.91
N PRO A 473 -20.57 3.65 32.03
CA PRO A 473 -19.56 2.88 32.77
C PRO A 473 -19.10 1.59 32.05
N ALA A 474 -17.87 1.16 32.27
CA ALA A 474 -17.36 -0.02 31.65
C ALA A 474 -17.35 -1.21 32.62
N GLN A 475 -18.11 -2.25 32.30
CA GLN A 475 -17.94 -3.52 32.98
C GLN A 475 -16.65 -4.14 32.49
N PRO A 476 -15.95 -4.87 33.38
CA PRO A 476 -14.69 -5.46 32.96
C PRO A 476 -14.97 -6.65 32.07
N ILE A 477 -13.96 -7.09 31.34
CA ILE A 477 -14.12 -8.26 30.48
C ILE A 477 -13.64 -9.46 31.26
N THR A 478 -14.56 -10.38 31.54
CA THR A 478 -14.22 -11.54 32.40
C THR A 478 -14.30 -12.83 31.63
N THR A 479 -13.51 -13.82 32.05
CA THR A 479 -13.59 -15.20 31.53
C THR A 479 -13.99 -16.20 32.65
N THR A 480 -14.41 -17.40 32.24
CA THR A 480 -14.60 -18.49 33.19
C THR A 480 -13.34 -19.34 33.22
N PHE A 481 -13.22 -20.10 34.31
CA PHE A 481 -12.16 -21.06 34.52
C PHE A 481 -12.04 -22.08 33.34
N LEU A 482 -13.18 -22.56 32.84
CA LEU A 482 -13.19 -23.49 31.72
C LEU A 482 -12.69 -22.85 30.42
N GLU A 483 -13.13 -21.60 30.18
CA GLU A 483 -12.65 -20.81 29.04
C GLU A 483 -11.15 -20.62 29.07
N ARG A 484 -10.60 -20.33 30.25
CA ARG A 484 -9.15 -20.19 30.44
C ARG A 484 -8.37 -21.52 30.30
N HIS A 485 -8.91 -22.64 30.74
CA HIS A 485 -8.07 -23.84 30.82
C HIS A 485 -8.43 -25.01 29.89
N LEU A 486 -9.56 -24.95 29.20
CA LEU A 486 -9.84 -25.98 28.17
C LEU A 486 -8.72 -26.07 27.12
N PRO A 487 -8.40 -27.26 26.65
CA PRO A 487 -7.30 -27.27 25.70
C PRO A 487 -7.77 -26.83 24.32
N SER A 488 -6.77 -26.51 23.48
CA SER A 488 -6.97 -26.29 22.08
C SER A 488 -7.21 -27.67 21.45
N VAL A 489 -7.55 -27.70 20.16
CA VAL A 489 -7.68 -28.97 19.48
C VAL A 489 -6.32 -29.73 19.46
N PRO A 490 -5.20 -29.03 19.08
CA PRO A 490 -3.95 -29.85 19.09
C PRO A 490 -3.47 -30.19 20.49
N GLY A 491 -3.75 -29.32 21.46
CA GLY A 491 -3.55 -29.63 22.90
C GLY A 491 -4.26 -30.92 23.31
N LEU A 492 -5.53 -31.09 22.93
CA LEU A 492 -6.25 -32.32 23.21
C LEU A 492 -5.66 -33.56 22.50
N LEU A 493 -5.25 -33.41 21.25
CA LEU A 493 -4.58 -34.48 20.50
C LEU A 493 -3.27 -34.91 21.18
N ARG A 494 -2.53 -33.91 21.69
CA ARG A 494 -1.32 -34.12 22.48
C ARG A 494 -1.62 -34.98 23.72
N LEU A 495 -2.65 -34.61 24.51
CA LEU A 495 -3.11 -35.41 25.65
C LEU A 495 -3.51 -36.86 25.28
N ILE A 496 -4.13 -37.04 24.11
CA ILE A 496 -4.52 -38.37 23.63
C ILE A 496 -3.26 -39.22 23.28
N GLY A 497 -2.31 -38.61 22.59
CA GLY A 497 -1.00 -39.21 22.36
C GLY A 497 -0.31 -39.65 23.65
N LEU A 498 -0.31 -38.77 24.66
CA LEU A 498 0.32 -39.04 25.97
C LEU A 498 -0.26 -40.26 26.68
N THR A 499 -1.57 -40.24 26.86
CA THR A 499 -2.34 -41.36 27.44
C THR A 499 -2.04 -42.69 26.73
N THR A 500 -2.07 -42.68 25.39
CA THR A 500 -1.75 -43.85 24.56
C THR A 500 -0.25 -44.26 24.62
N ILE A 501 0.39 -44.07 25.76
CA ILE A 501 1.78 -44.52 26.01
C ILE A 501 1.96 -44.96 27.48
N ASN B 3 0.63 27.62 -21.89
CA ASN B 3 -0.86 27.75 -22.07
C ASN B 3 -1.59 26.65 -22.93
N LYS B 4 -1.86 26.90 -24.21
CA LYS B 4 -2.73 25.97 -24.96
C LYS B 4 -1.95 25.01 -25.86
N CYS B 5 -2.39 23.74 -25.92
CA CYS B 5 -1.72 22.76 -26.76
C CYS B 5 -2.64 21.58 -27.04
N ASP B 6 -2.19 20.61 -27.84
CA ASP B 6 -2.99 19.37 -28.07
C ASP B 6 -2.94 18.33 -26.91
N VAL B 7 -1.73 18.02 -26.41
CA VAL B 7 -1.57 17.01 -25.35
C VAL B 7 -0.60 17.48 -24.25
N VAL B 8 -1.03 17.44 -23.00
CA VAL B 8 -0.12 17.65 -21.87
C VAL B 8 0.36 16.25 -21.40
N VAL B 9 1.68 16.06 -21.31
CA VAL B 9 2.27 14.82 -20.76
C VAL B 9 2.77 15.17 -19.35
N VAL B 10 2.24 14.48 -18.34
CA VAL B 10 2.66 14.69 -16.97
C VAL B 10 3.80 13.70 -16.69
N GLY B 11 5.01 14.22 -16.48
CA GLY B 11 6.18 13.36 -16.26
C GLY B 11 7.13 13.27 -17.46
N GLY B 12 8.39 13.62 -17.24
CA GLY B 12 9.44 13.51 -18.23
C GLY B 12 10.48 12.42 -17.95
N GLY B 13 10.03 11.22 -17.58
CA GLY B 13 10.90 10.03 -17.55
C GLY B 13 10.90 9.47 -18.95
N ILE B 14 11.47 8.28 -19.11
CA ILE B 14 11.51 7.67 -20.42
C ILE B 14 10.12 7.51 -20.95
N SER B 15 9.17 7.15 -20.11
CA SER B 15 7.85 6.89 -20.68
C SER B 15 7.18 8.19 -21.23
N GLY B 16 7.19 9.27 -20.44
CA GLY B 16 6.60 10.56 -20.86
C GLY B 16 7.30 11.13 -22.10
N MET B 17 8.64 11.06 -22.11
CA MET B 17 9.44 11.50 -23.26
C MET B 17 9.12 10.67 -24.52
N ALA B 18 9.08 9.34 -24.39
CA ALA B 18 8.74 8.49 -25.57
C ALA B 18 7.33 8.86 -26.11
N ALA B 19 6.38 9.06 -25.21
CA ALA B 19 5.03 9.50 -25.60
C ALA B 19 5.05 10.86 -26.30
N ALA B 20 5.72 11.86 -25.70
CA ALA B 20 5.80 13.19 -26.28
C ALA B 20 6.48 13.20 -27.66
N LYS B 21 7.57 12.44 -27.81
CA LYS B 21 8.29 12.35 -29.06
C LYS B 21 7.40 11.76 -30.14
N LEU B 22 6.69 10.69 -29.83
CA LEU B 22 5.77 10.10 -30.79
C LEU B 22 4.69 11.13 -31.22
N LEU B 23 4.01 11.77 -30.26
CA LEU B 23 2.97 12.76 -30.60
C LEU B 23 3.52 13.93 -31.42
N HIS B 24 4.66 14.49 -31.03
CA HIS B 24 5.37 15.55 -31.76
C HIS B 24 5.73 15.15 -33.18
N ASP B 25 6.28 13.94 -33.36
CA ASP B 25 6.60 13.44 -34.70
C ASP B 25 5.33 13.33 -35.58
N SER B 26 4.16 13.12 -34.94
CA SER B 26 2.88 13.11 -35.68
C SER B 26 2.35 14.49 -36.06
N GLY B 27 2.96 15.58 -35.61
CA GLY B 27 2.40 16.92 -35.88
C GLY B 27 1.53 17.54 -34.78
N LEU B 28 1.39 16.87 -33.63
CA LEU B 28 0.66 17.49 -32.55
C LEU B 28 1.52 18.41 -31.73
N ASN B 29 0.88 19.41 -31.12
CA ASN B 29 1.60 20.27 -30.17
C ASN B 29 1.60 19.64 -28.76
N VAL B 30 2.78 19.34 -28.21
CA VAL B 30 2.86 18.67 -26.93
C VAL B 30 3.60 19.55 -25.96
N VAL B 31 3.19 19.50 -24.69
CA VAL B 31 3.91 20.06 -23.56
C VAL B 31 4.18 18.92 -22.56
N VAL B 32 5.40 18.85 -22.03
CA VAL B 32 5.75 17.90 -21.00
C VAL B 32 5.90 18.64 -19.69
N LEU B 33 5.10 18.29 -18.69
CA LEU B 33 5.28 18.97 -17.40
C LEU B 33 6.07 18.06 -16.46
N GLU B 34 7.26 18.50 -16.07
CA GLU B 34 8.18 17.69 -15.23
C GLU B 34 8.38 18.33 -13.83
N ALA B 35 8.05 17.59 -12.76
CA ALA B 35 8.27 18.08 -11.35
C ALA B 35 9.69 18.54 -10.97
N ARG B 36 10.70 17.79 -11.43
CA ARG B 36 12.09 18.01 -11.03
C ARG B 36 12.75 19.06 -11.89
N ASP B 37 13.95 19.46 -11.46
CA ASP B 37 14.82 20.34 -12.24
C ASP B 37 15.62 19.56 -13.31
N ARG B 38 15.23 18.30 -13.56
CA ARG B 38 15.88 17.50 -14.57
C ARG B 38 14.86 16.55 -15.21
N VAL B 39 15.21 15.98 -16.35
CA VAL B 39 14.44 14.85 -16.93
C VAL B 39 15.08 13.50 -16.60
N GLY B 40 14.39 12.37 -16.90
CA GLY B 40 14.96 11.02 -16.68
C GLY B 40 14.25 10.19 -15.62
N GLY B 41 13.74 10.86 -14.58
CA GLY B 41 13.03 10.19 -13.50
C GLY B 41 13.89 9.11 -12.79
N ARG B 42 13.50 7.84 -12.96
CA ARG B 42 14.20 6.71 -12.35
C ARG B 42 15.48 6.35 -13.08
N THR B 43 15.76 7.01 -14.21
CA THR B 43 17.15 7.00 -14.70
C THR B 43 17.81 8.31 -14.33
N TYR B 44 19.08 8.26 -13.95
CA TYR B 44 19.86 9.46 -13.60
C TYR B 44 21.32 9.17 -13.89
N THR B 45 21.92 9.87 -14.84
CA THR B 45 23.34 9.70 -15.13
C THR B 45 24.15 10.84 -14.54
N LEU B 46 25.02 10.52 -13.58
CA LEU B 46 25.92 11.55 -13.00
C LEU B 46 27.25 11.62 -13.76
N ARG B 47 27.69 12.86 -14.03
CA ARG B 47 29.02 13.10 -14.62
C ARG B 47 29.95 13.90 -13.72
N ASN B 48 31.18 13.40 -13.57
CA ASN B 48 32.32 14.08 -12.97
C ASN B 48 33.61 13.42 -13.39
N GLN B 49 34.72 14.06 -13.06
CA GLN B 49 36.00 13.65 -13.62
C GLN B 49 36.43 12.32 -13.03
N LYS B 50 35.97 12.04 -11.82
CA LYS B 50 36.33 10.79 -11.16
C LYS B 50 35.70 9.56 -11.77
N VAL B 51 34.44 9.69 -12.25
CA VAL B 51 33.73 8.52 -12.77
C VAL B 51 33.59 8.56 -14.27
N LYS B 52 33.80 9.76 -14.83
CA LYS B 52 33.39 10.15 -16.19
C LYS B 52 31.86 10.26 -16.31
N TYR B 53 31.16 9.14 -16.35
CA TYR B 53 29.69 9.15 -16.20
C TYR B 53 29.29 7.92 -15.38
N VAL B 54 28.21 7.98 -14.60
CA VAL B 54 27.76 6.75 -13.95
C VAL B 54 26.25 6.77 -13.85
N ASP B 55 25.63 5.64 -14.16
CA ASP B 55 24.19 5.47 -14.01
C ASP B 55 23.86 5.21 -12.52
N LEU B 56 23.06 6.07 -11.89
CA LEU B 56 22.65 5.87 -10.49
C LEU B 56 21.23 5.32 -10.36
N GLY B 57 20.52 5.22 -11.48
CA GLY B 57 19.20 4.60 -11.49
C GLY B 57 19.18 3.47 -12.54
N GLY B 58 18.12 3.37 -13.31
CA GLY B 58 18.09 2.39 -14.45
C GLY B 58 19.32 2.46 -15.39
N SER B 59 19.83 1.31 -15.80
CA SER B 59 21.12 1.22 -16.51
C SER B 59 21.16 0.08 -17.59
N TYR B 60 20.78 -1.15 -17.20
CA TYR B 60 20.95 -2.36 -18.02
C TYR B 60 19.88 -2.52 -19.06
N VAL B 61 20.33 -2.92 -20.23
CA VAL B 61 19.45 -3.37 -21.29
C VAL B 61 20.00 -4.65 -21.85
N GLY B 62 19.12 -5.40 -22.51
CA GLY B 62 19.51 -6.70 -23.04
C GLY B 62 18.58 -7.17 -24.15
N PRO B 63 18.87 -8.35 -24.70
CA PRO B 63 18.08 -8.95 -25.78
C PRO B 63 16.60 -9.08 -25.44
N THR B 64 15.78 -8.89 -26.46
CA THR B 64 14.27 -8.86 -26.40
C THR B 64 13.73 -7.51 -25.91
N GLN B 65 14.61 -6.56 -25.54
CA GLN B 65 14.13 -5.22 -25.17
C GLN B 65 14.28 -4.30 -26.38
N ASN B 66 13.59 -4.63 -27.46
CA ASN B 66 13.77 -4.02 -28.77
C ASN B 66 13.29 -2.55 -28.91
N ARG B 67 12.26 -2.18 -28.15
CA ARG B 67 11.80 -0.80 -28.21
C ARG B 67 12.81 0.23 -27.60
N ILE B 68 13.36 -0.04 -26.42
CA ILE B 68 14.34 0.89 -25.84
C ILE B 68 15.65 0.88 -26.69
N LEU B 69 16.02 -0.26 -27.20
CA LEU B 69 17.15 -0.33 -28.13
C LEU B 69 16.94 0.51 -29.42
N ARG B 70 15.75 0.43 -30.02
CA ARG B 70 15.46 1.20 -31.24
C ARG B 70 15.45 2.73 -30.95
N LEU B 71 14.75 3.13 -29.89
CA LEU B 71 14.67 4.53 -29.47
C LEU B 71 16.06 5.15 -29.21
N ALA B 72 16.88 4.45 -28.44
CA ALA B 72 18.22 4.85 -28.10
C ALA B 72 19.08 4.95 -29.38
N LYS B 73 18.99 3.93 -30.24
CA LYS B 73 19.74 3.95 -31.48
C LYS B 73 19.42 5.18 -32.33
N GLU B 74 18.13 5.47 -32.48
CA GLU B 74 17.65 6.69 -33.17
C GLU B 74 18.17 8.00 -32.58
N LEU B 75 18.32 8.01 -31.24
CA LEU B 75 18.85 9.19 -30.57
C LEU B 75 20.39 9.28 -30.69
N GLY B 76 21.03 8.31 -31.33
CA GLY B 76 22.48 8.31 -31.55
C GLY B 76 23.28 7.60 -30.45
N LEU B 77 22.62 6.84 -29.57
CA LEU B 77 23.29 6.08 -28.51
C LEU B 77 23.79 4.69 -28.98
N GLU B 78 24.77 4.18 -28.24
CA GLU B 78 25.40 2.88 -28.52
C GLU B 78 25.48 2.11 -27.22
N THR B 79 25.50 0.78 -27.29
CA THR B 79 25.69 -0.01 -26.11
C THR B 79 27.06 -0.67 -26.10
N TYR B 80 27.40 -1.14 -24.90
CA TYR B 80 28.53 -2.04 -24.76
C TYR B 80 28.07 -3.15 -23.79
N LYS B 81 28.86 -4.24 -23.81
CA LYS B 81 28.60 -5.44 -23.05
C LYS B 81 29.15 -5.40 -21.64
N VAL B 82 28.32 -5.73 -20.65
CA VAL B 82 28.73 -5.92 -19.25
C VAL B 82 29.76 -7.07 -19.12
N ASN B 83 30.79 -6.86 -18.31
CA ASN B 83 31.84 -7.87 -18.25
C ASN B 83 31.35 -9.18 -17.65
N GLU B 84 31.32 -10.24 -18.47
CA GLU B 84 31.03 -11.56 -17.95
C GLU B 84 32.01 -12.64 -18.48
N VAL B 85 33.25 -12.26 -18.79
CA VAL B 85 34.25 -13.20 -19.35
C VAL B 85 34.70 -14.28 -18.32
N GLU B 86 35.05 -13.86 -17.12
CA GLU B 86 35.60 -14.72 -16.07
C GLU B 86 34.52 -15.34 -15.15
N ARG B 87 34.90 -15.94 -14.02
CA ARG B 87 33.94 -16.72 -13.25
C ARG B 87 33.05 -15.85 -12.38
N LEU B 88 31.83 -16.30 -12.20
CA LEU B 88 30.91 -15.71 -11.24
C LEU B 88 31.24 -16.25 -9.86
N ILE B 89 30.75 -15.57 -8.81
CA ILE B 89 30.90 -16.04 -7.47
C ILE B 89 29.54 -16.22 -6.72
N HIS B 90 29.37 -17.37 -6.04
CA HIS B 90 28.33 -17.52 -5.02
C HIS B 90 28.99 -17.57 -3.63
N HIS B 91 28.63 -16.61 -2.78
CA HIS B 91 29.20 -16.55 -1.48
C HIS B 91 28.11 -16.96 -0.52
N VAL B 92 28.37 -18.04 0.18
CA VAL B 92 27.34 -18.60 1.05
C VAL B 92 27.99 -19.19 2.31
N LYS B 93 27.32 -18.97 3.45
CA LYS B 93 27.91 -19.29 4.77
C LYS B 93 29.42 -19.00 4.85
N GLY B 94 29.72 -17.74 4.53
CA GLY B 94 31.07 -17.19 4.70
C GLY B 94 32.11 -17.71 3.74
N LYS B 95 31.72 -18.34 2.65
CA LYS B 95 32.72 -18.83 1.69
C LYS B 95 32.34 -18.60 0.24
N SER B 96 33.36 -18.40 -0.61
CA SER B 96 33.17 -18.15 -2.04
C SER B 96 33.26 -19.39 -2.97
N TYR B 97 32.30 -19.55 -3.87
CA TYR B 97 32.31 -20.70 -4.76
C TYR B 97 32.21 -20.16 -6.16
N PRO B 98 33.28 -20.25 -6.94
CA PRO B 98 33.25 -19.68 -8.25
C PRO B 98 32.53 -20.65 -9.17
N PHE B 99 31.89 -20.12 -10.19
CA PHE B 99 31.11 -20.97 -11.10
C PHE B 99 30.95 -20.24 -12.41
N ARG B 100 30.48 -20.98 -13.39
CA ARG B 100 30.25 -20.48 -14.73
C ARG B 100 28.84 -20.89 -15.10
N GLY B 101 28.21 -20.15 -16.00
CA GLY B 101 26.82 -20.44 -16.36
C GLY B 101 25.78 -19.71 -15.50
N PRO B 102 24.49 -19.95 -15.75
CA PRO B 102 23.43 -19.17 -15.11
C PRO B 102 23.15 -19.41 -13.60
N PHE B 103 23.38 -20.62 -13.09
CA PHE B 103 23.07 -20.91 -11.70
C PHE B 103 24.22 -21.54 -11.03
N PRO B 104 24.43 -21.17 -9.75
CA PRO B 104 25.51 -21.76 -8.98
C PRO B 104 25.23 -23.25 -8.88
N PRO B 105 26.26 -24.08 -9.01
CA PRO B 105 26.04 -25.52 -8.88
C PRO B 105 25.67 -25.93 -7.44
N VAL B 106 24.97 -27.06 -7.35
CA VAL B 106 24.46 -27.62 -6.13
C VAL B 106 24.87 -29.07 -6.24
N TRP B 107 25.46 -29.62 -5.19
CA TRP B 107 26.03 -30.97 -5.25
C TRP B 107 25.23 -32.05 -4.50
N ASN B 108 24.67 -31.70 -3.34
CA ASN B 108 23.77 -32.59 -2.63
C ASN B 108 22.58 -32.92 -3.51
N PRO B 109 22.29 -34.22 -3.70
CA PRO B 109 21.30 -34.63 -4.71
C PRO B 109 19.86 -34.24 -4.39
N ILE B 110 19.51 -34.13 -3.12
CA ILE B 110 18.16 -33.72 -2.72
C ILE B 110 17.97 -32.25 -2.99
N THR B 111 18.98 -31.50 -2.56
CA THR B 111 19.08 -30.08 -2.78
C THR B 111 19.04 -29.76 -4.29
N TYR B 112 19.77 -30.52 -5.08
CA TYR B 112 19.73 -30.38 -6.54
C TYR B 112 18.33 -30.54 -7.09
N LEU B 113 17.63 -31.58 -6.67
CA LEU B 113 16.23 -31.75 -7.10
C LEU B 113 15.33 -30.55 -6.67
N ASP B 114 15.47 -30.09 -5.43
CA ASP B 114 14.68 -28.98 -4.90
C ASP B 114 14.95 -27.70 -5.67
N HIS B 115 16.23 -27.40 -5.93
CA HIS B 115 16.59 -26.19 -6.67
C HIS B 115 16.04 -26.26 -8.07
N ASN B 116 16.24 -27.40 -8.75
CA ASN B 116 15.79 -27.52 -10.13
C ASN B 116 14.27 -27.34 -10.22
N ASN B 117 13.54 -27.92 -9.29
CA ASN B 117 12.10 -27.82 -9.28
C ASN B 117 11.62 -26.39 -9.05
N PHE B 118 12.37 -25.61 -8.26
CA PHE B 118 11.91 -24.27 -7.92
C PHE B 118 11.88 -23.38 -9.15
N TRP B 119 13.01 -23.33 -9.88
CA TRP B 119 13.09 -22.51 -11.10
C TRP B 119 12.08 -23.00 -12.15
N ARG B 120 12.04 -24.30 -12.39
CA ARG B 120 11.12 -24.87 -13.36
C ARG B 120 9.67 -24.58 -13.01
N THR B 121 9.31 -24.68 -11.73
CA THR B 121 7.93 -24.36 -11.27
C THR B 121 7.54 -22.87 -11.46
N MET B 122 8.47 -21.92 -11.24
CA MET B 122 8.18 -20.49 -11.45
C MET B 122 7.82 -20.28 -12.94
N ASP B 123 8.58 -20.92 -13.85
CA ASP B 123 8.27 -20.82 -15.28
C ASP B 123 6.97 -21.53 -15.67
N ASP B 124 6.70 -22.69 -15.12
CA ASP B 124 5.43 -23.45 -15.38
C ASP B 124 4.22 -22.62 -14.95
N MET B 125 4.28 -22.04 -13.75
CA MET B 125 3.18 -21.20 -13.26
C MET B 125 2.98 -20.00 -14.17
N GLY B 126 4.07 -19.40 -14.66
CA GLY B 126 3.90 -18.18 -15.47
C GLY B 126 3.29 -18.41 -16.85
N ARG B 127 3.47 -19.62 -17.37
CA ARG B 127 2.83 -19.99 -18.65
C ARG B 127 1.31 -19.92 -18.57
N GLU B 128 0.75 -19.92 -17.36
CA GLU B 128 -0.71 -19.81 -17.25
C GLU B 128 -1.16 -18.37 -16.99
N ILE B 129 -0.23 -17.39 -17.03
CA ILE B 129 -0.59 -16.00 -16.68
C ILE B 129 -0.46 -15.12 -17.90
N PRO B 130 -1.60 -14.58 -18.41
CA PRO B 130 -1.51 -13.73 -19.61
C PRO B 130 -0.78 -12.45 -19.26
N SER B 131 0.15 -12.04 -20.14
CA SER B 131 0.98 -10.85 -19.95
C SER B 131 0.14 -9.58 -19.87
N ASP B 132 -0.86 -9.47 -20.73
CA ASP B 132 -1.70 -8.30 -20.76
C ASP B 132 -2.88 -8.35 -19.80
N ALA B 133 -3.00 -9.46 -19.07
CA ALA B 133 -4.17 -9.58 -18.17
C ALA B 133 -3.92 -10.65 -17.10
N PRO B 134 -3.01 -10.38 -16.13
CA PRO B 134 -2.63 -11.46 -15.22
C PRO B 134 -3.77 -11.90 -14.28
N TRP B 135 -4.75 -11.02 -14.03
CA TRP B 135 -5.97 -11.36 -13.24
C TRP B 135 -6.86 -12.35 -13.99
N LYS B 136 -6.47 -12.75 -15.22
CA LYS B 136 -7.22 -13.77 -15.97
C LYS B 136 -6.56 -15.16 -15.88
N ALA B 137 -5.46 -15.25 -15.14
CA ALA B 137 -4.88 -16.60 -14.88
C ALA B 137 -5.94 -17.49 -14.23
N PRO B 138 -5.96 -18.79 -14.59
CA PRO B 138 -7.04 -19.68 -14.09
C PRO B 138 -7.07 -19.73 -12.56
N LEU B 139 -5.89 -19.62 -11.93
CA LEU B 139 -5.75 -19.61 -10.48
C LEU B 139 -5.42 -18.20 -9.90
N ALA B 140 -5.88 -17.14 -10.59
CA ALA B 140 -5.50 -15.79 -10.22
C ALA B 140 -5.75 -15.48 -8.75
N GLU B 141 -6.92 -15.85 -8.24
CA GLU B 141 -7.27 -15.50 -6.87
C GLU B 141 -6.45 -16.29 -5.86
N GLU B 142 -6.38 -17.60 -6.05
CA GLU B 142 -5.53 -18.40 -5.18
C GLU B 142 -4.08 -17.84 -5.13
N TRP B 143 -3.44 -17.61 -6.27
CA TRP B 143 -2.04 -17.10 -6.31
C TRP B 143 -1.97 -15.66 -5.79
N ASP B 144 -3.00 -14.85 -6.03
CA ASP B 144 -2.95 -13.47 -5.58
C ASP B 144 -3.10 -13.29 -4.06
N ASN B 145 -3.75 -14.25 -3.43
CA ASN B 145 -4.05 -14.20 -1.97
C ASN B 145 -2.96 -14.78 -1.10
N MET B 146 -1.84 -15.13 -1.71
CA MET B 146 -0.68 -15.68 -1.00
C MET B 146 0.49 -14.73 -1.28
N THR B 147 1.39 -14.58 -0.33
CA THR B 147 2.62 -13.86 -0.59
C THR B 147 3.66 -14.81 -1.25
N MET B 148 4.70 -14.26 -1.85
CA MET B 148 5.80 -15.10 -2.34
C MET B 148 6.44 -15.92 -1.18
N LYS B 149 6.42 -15.38 0.04
CA LYS B 149 7.00 -16.12 1.17
C LYS B 149 6.24 -17.40 1.43
N GLU B 150 4.89 -17.33 1.44
CA GLU B 150 4.06 -18.51 1.52
C GLU B 150 4.30 -19.48 0.38
N LEU B 151 4.28 -18.99 -0.87
CA LEU B 151 4.63 -19.87 -1.97
C LEU B 151 6.01 -20.55 -1.78
N LEU B 152 7.03 -19.80 -1.35
CA LEU B 152 8.35 -20.42 -1.13
C LEU B 152 8.38 -21.45 0.02
N ASP B 153 7.62 -21.18 1.08
CA ASP B 153 7.48 -22.15 2.18
C ASP B 153 6.82 -23.45 1.71
N LYS B 154 5.87 -23.34 0.79
CA LYS B 154 5.24 -24.55 0.21
C LYS B 154 6.16 -25.34 -0.73
N LEU B 155 6.88 -24.64 -1.60
CA LEU B 155 7.57 -25.28 -2.71
C LEU B 155 8.96 -25.82 -2.37
N CYS B 156 9.67 -25.13 -1.46
CA CYS B 156 11.08 -25.38 -1.21
C CYS B 156 11.24 -26.32 -0.04
N TRP B 157 11.68 -27.56 -0.30
CA TRP B 157 11.90 -28.56 0.79
C TRP B 157 13.24 -28.40 1.53
N THR B 158 14.16 -27.61 0.94
CA THR B 158 15.46 -27.34 1.52
C THR B 158 15.61 -25.84 1.82
N GLU B 159 16.33 -25.52 2.89
CA GLU B 159 16.68 -24.13 3.26
C GLU B 159 17.55 -23.50 2.21
N SER B 160 18.46 -24.29 1.64
CA SER B 160 19.29 -23.79 0.56
C SER B 160 18.49 -23.28 -0.64
N ALA B 161 17.48 -24.01 -1.10
CA ALA B 161 16.68 -23.50 -2.26
C ALA B 161 15.91 -22.23 -1.85
N LYS B 162 15.42 -22.20 -0.62
CA LYS B 162 14.57 -21.14 -0.16
C LYS B 162 15.38 -19.84 0.06
N GLN B 163 16.64 -19.98 0.48
CA GLN B 163 17.48 -18.80 0.67
C GLN B 163 17.86 -18.21 -0.71
N LEU B 164 18.22 -19.05 -1.66
CA LEU B 164 18.48 -18.56 -3.01
C LEU B 164 17.24 -17.95 -3.71
N ALA B 165 16.06 -18.58 -3.54
CA ALA B 165 14.81 -18.06 -4.11
C ALA B 165 14.49 -16.70 -3.50
N THR B 166 14.75 -16.57 -2.21
CA THR B 166 14.49 -15.34 -1.45
C THR B 166 15.38 -14.19 -1.98
N LEU B 167 16.68 -14.48 -2.16
CA LEU B 167 17.59 -13.50 -2.76
C LEU B 167 17.08 -13.08 -4.16
N PHE B 168 16.69 -14.06 -4.98
CA PHE B 168 16.12 -13.80 -6.30
C PHE B 168 14.95 -12.82 -6.25
N VAL B 169 14.00 -13.01 -5.31
CA VAL B 169 12.84 -12.12 -5.19
C VAL B 169 13.34 -10.74 -4.78
N ASN B 170 14.18 -10.67 -3.74
CA ASN B 170 14.63 -9.36 -3.27
C ASN B 170 15.28 -8.56 -4.39
N LEU B 171 16.15 -9.21 -5.16
CA LEU B 171 16.93 -8.55 -6.23
C LEU B 171 16.03 -8.12 -7.40
N CYS B 172 15.05 -8.95 -7.69
CA CYS B 172 14.17 -8.77 -8.82
CA CYS B 172 14.20 -8.76 -8.81
C CYS B 172 13.24 -7.59 -8.59
N VAL B 173 12.67 -7.48 -7.39
CA VAL B 173 11.55 -6.51 -7.16
C VAL B 173 11.77 -5.64 -5.92
N THR B 174 13.01 -5.65 -5.41
CA THR B 174 13.41 -4.81 -4.25
C THR B 174 12.38 -4.78 -3.09
N ALA B 175 11.84 -5.95 -2.77
CA ALA B 175 10.85 -6.07 -1.70
C ALA B 175 11.03 -7.44 -1.08
N GLU B 176 10.52 -7.59 0.15
CA GLU B 176 10.65 -8.84 0.84
C GLU B 176 9.63 -9.84 0.25
N THR B 177 9.92 -11.13 0.36
CA THR B 177 9.02 -12.15 -0.13
C THR B 177 7.65 -12.07 0.55
N HIS B 178 7.59 -11.66 1.84
CA HIS B 178 6.28 -11.57 2.51
C HIS B 178 5.50 -10.29 2.17
N GLU B 179 6.13 -9.37 1.46
CA GLU B 179 5.45 -8.12 1.06
C GLU B 179 4.64 -8.22 -0.21
N VAL B 180 4.97 -9.20 -1.08
CA VAL B 180 4.47 -9.19 -2.47
C VAL B 180 3.53 -10.36 -2.77
N SER B 181 2.49 -10.12 -3.56
CA SER B 181 1.66 -11.19 -4.14
C SER B 181 2.45 -12.20 -4.99
N ALA B 182 2.18 -13.49 -4.81
CA ALA B 182 2.76 -14.58 -5.65
C ALA B 182 2.32 -14.39 -7.10
N LEU B 183 1.02 -14.11 -7.27
CA LEU B 183 0.49 -13.85 -8.64
C LEU B 183 1.28 -12.74 -9.31
N TRP B 184 1.37 -11.61 -8.64
CA TRP B 184 2.03 -10.48 -9.20
C TRP B 184 3.51 -10.80 -9.55
N PHE B 185 4.24 -11.40 -8.61
CA PHE B 185 5.64 -11.76 -8.85
C PHE B 185 5.82 -12.73 -9.99
N LEU B 186 4.96 -13.75 -10.06
CA LEU B 186 5.08 -14.70 -11.14
C LEU B 186 4.75 -14.08 -12.53
N TRP B 187 3.79 -13.15 -12.57
CA TRP B 187 3.53 -12.37 -13.81
C TRP B 187 4.77 -11.57 -14.21
N TYR B 188 5.42 -10.93 -13.22
CA TYR B 188 6.52 -10.02 -13.44
C TYR B 188 7.71 -10.71 -14.12
N VAL B 189 8.09 -11.87 -13.61
CA VAL B 189 9.10 -12.71 -14.24
C VAL B 189 8.67 -13.21 -15.62
N LYS B 190 7.45 -13.79 -15.77
CA LYS B 190 6.93 -14.26 -17.10
C LYS B 190 6.91 -13.13 -18.17
N GLN B 191 6.48 -11.93 -17.78
CA GLN B 191 6.43 -10.84 -18.74
C GLN B 191 7.84 -10.27 -19.08
N CYS B 192 8.88 -10.71 -18.38
CA CYS B 192 10.26 -10.45 -18.84
C CYS B 192 10.84 -11.64 -19.65
N GLY B 193 10.05 -12.65 -19.99
CA GLY B 193 10.59 -13.80 -20.77
C GLY B 193 11.04 -14.99 -19.91
N GLY B 194 10.77 -14.93 -18.60
CA GLY B 194 11.06 -16.05 -17.68
C GLY B 194 12.33 -15.90 -16.87
N THR B 195 12.58 -16.89 -16.00
CA THR B 195 13.67 -16.84 -15.01
C THR B 195 15.07 -16.70 -15.67
N THR B 196 15.38 -17.51 -16.68
CA THR B 196 16.71 -17.42 -17.31
C THR B 196 16.91 -16.07 -17.94
N ARG B 197 15.91 -15.60 -18.69
CA ARG B 197 16.03 -14.31 -19.37
C ARG B 197 16.18 -13.17 -18.37
N ILE B 198 15.39 -13.18 -17.31
CA ILE B 198 15.43 -12.05 -16.41
C ILE B 198 16.75 -11.97 -15.62
N ILE B 199 17.38 -13.09 -15.26
CA ILE B 199 18.56 -13.08 -14.35
C ILE B 199 19.89 -13.05 -15.08
N SER B 200 19.91 -13.40 -16.35
CA SER B 200 21.18 -13.54 -17.04
C SER B 200 21.82 -12.21 -17.42
N THR B 201 23.14 -12.23 -17.48
CA THR B 201 23.88 -11.14 -18.06
C THR B 201 23.97 -11.47 -19.55
N THR B 202 24.82 -12.42 -19.90
CA THR B 202 24.86 -12.85 -21.32
C THR B 202 23.50 -13.33 -21.75
N ASN B 203 22.92 -12.77 -22.82
CA ASN B 203 21.65 -13.22 -23.36
C ASN B 203 20.43 -12.96 -22.42
N GLY B 204 20.57 -12.01 -21.48
CA GLY B 204 19.42 -11.62 -20.63
C GLY B 204 19.34 -10.12 -20.30
N GLY B 205 18.59 -9.77 -19.27
CA GLY B 205 18.35 -8.35 -19.02
C GLY B 205 19.55 -7.51 -18.58
N GLN B 206 20.63 -8.13 -18.08
CA GLN B 206 21.83 -7.40 -17.74
C GLN B 206 22.93 -7.43 -18.80
N GLU B 207 22.62 -7.83 -20.03
CA GLU B 207 23.72 -7.95 -21.01
C GLU B 207 24.54 -6.65 -21.24
N ARG B 208 23.84 -5.51 -21.33
CA ARG B 208 24.44 -4.29 -21.84
C ARG B 208 24.14 -3.04 -21.03
N LYS B 209 24.99 -2.01 -21.20
CA LYS B 209 24.69 -0.64 -20.79
C LYS B 209 24.84 0.32 -21.96
N PHE B 210 24.30 1.54 -21.82
CA PHE B 210 24.56 2.59 -22.80
C PHE B 210 25.88 3.30 -22.58
N VAL B 211 26.66 3.45 -23.65
CA VAL B 211 27.88 4.28 -23.64
C VAL B 211 27.47 5.73 -23.27
N GLY B 212 28.01 6.30 -22.20
CA GLY B 212 27.64 7.69 -21.77
C GLY B 212 26.45 7.75 -20.80
N GLY B 213 25.78 6.61 -20.56
CA GLY B 213 24.73 6.59 -19.55
C GLY B 213 23.32 6.56 -20.12
N SER B 214 22.39 5.97 -19.38
CA SER B 214 21.02 5.89 -19.90
C SER B 214 20.24 7.22 -19.77
N GLY B 215 20.69 8.14 -18.90
CA GLY B 215 20.03 9.45 -18.77
C GLY B 215 19.95 10.18 -20.09
N GLN B 216 20.83 9.82 -21.03
CA GLN B 216 20.84 10.46 -22.36
C GLN B 216 19.58 10.19 -23.18
N VAL B 217 18.89 9.06 -22.94
CA VAL B 217 17.64 8.84 -23.66
C VAL B 217 16.69 10.04 -23.39
N SER B 218 16.43 10.34 -22.12
CA SER B 218 15.54 11.41 -21.78
C SER B 218 16.08 12.81 -22.13
N GLU B 219 17.35 13.05 -21.84
CA GLU B 219 18.03 14.34 -22.16
C GLU B 219 17.95 14.60 -23.65
N ARG B 220 18.23 13.58 -24.45
CA ARG B 220 18.20 13.79 -25.90
C ARG B 220 16.81 14.01 -26.48
N ILE B 221 15.77 13.43 -25.85
CA ILE B 221 14.41 13.73 -26.31
C ILE B 221 14.05 15.16 -25.91
N MET B 222 14.35 15.54 -24.68
CA MET B 222 14.25 16.92 -24.28
C MET B 222 15.00 17.88 -25.23
N ASP B 223 16.20 17.50 -25.69
CA ASP B 223 16.88 18.34 -26.69
C ASP B 223 16.02 18.51 -27.94
N LEU B 224 15.38 17.43 -28.41
CA LEU B 224 14.52 17.50 -29.60
C LEU B 224 13.32 18.42 -29.36
N LEU B 225 12.71 18.31 -28.18
CA LEU B 225 11.46 18.98 -27.95
C LEU B 225 11.63 20.49 -27.63
N GLY B 226 12.86 20.88 -27.27
CA GLY B 226 13.21 22.23 -26.80
C GLY B 226 12.35 22.69 -25.66
N ASP B 227 11.73 23.87 -25.86
CA ASP B 227 11.01 24.53 -24.78
C ASP B 227 9.57 24.00 -24.54
N ARG B 228 9.22 22.91 -25.23
CA ARG B 228 7.98 22.21 -24.96
C ARG B 228 8.03 21.47 -23.61
N VAL B 229 9.25 21.23 -23.10
CA VAL B 229 9.49 20.56 -21.84
C VAL B 229 9.64 21.63 -20.76
N LYS B 230 8.84 21.56 -19.69
CA LYS B 230 8.89 22.51 -18.58
C LYS B 230 9.34 21.82 -17.26
N LEU B 231 10.51 22.19 -16.78
CA LEU B 231 11.12 21.61 -15.60
C LEU B 231 10.65 22.39 -14.42
N GLU B 232 10.65 21.77 -13.25
CA GLU B 232 10.11 22.37 -12.02
C GLU B 232 8.65 22.79 -12.13
N ARG B 233 7.87 21.91 -12.77
CA ARG B 233 6.43 22.08 -12.94
C ARG B 233 5.70 20.84 -12.40
N PRO B 234 5.73 20.64 -11.06
CA PRO B 234 4.95 19.56 -10.49
C PRO B 234 3.50 19.83 -10.79
N VAL B 235 2.80 18.87 -11.39
CA VAL B 235 1.36 18.98 -11.56
C VAL B 235 0.64 18.78 -10.23
N ILE B 236 -0.34 19.67 -9.95
CA ILE B 236 -1.14 19.61 -8.70
C ILE B 236 -2.65 19.42 -8.86
N TYR B 237 -3.17 19.67 -10.05
CA TYR B 237 -4.59 19.76 -10.23
C TYR B 237 -4.92 19.49 -11.68
N ILE B 238 -5.88 18.59 -11.89
CA ILE B 238 -6.39 18.35 -13.21
C ILE B 238 -7.91 18.44 -13.21
N ASP B 239 -8.48 19.32 -14.05
CA ASP B 239 -9.92 19.55 -14.12
C ASP B 239 -10.43 19.12 -15.50
N GLN B 240 -11.35 18.17 -15.52
CA GLN B 240 -11.93 17.66 -16.76
C GLN B 240 -13.40 18.08 -16.99
N THR B 241 -13.92 19.00 -16.19
CA THR B 241 -15.34 19.34 -16.26
C THR B 241 -15.70 20.22 -17.47
N ARG B 242 -14.70 20.80 -18.15
CA ARG B 242 -14.95 21.72 -19.28
C ARG B 242 -14.62 21.11 -20.64
N GLU B 243 -14.73 21.95 -21.67
CA GLU B 243 -14.48 21.61 -23.07
C GLU B 243 -13.04 21.10 -23.24
N ASN B 244 -12.10 21.88 -22.71
CA ASN B 244 -10.69 21.55 -22.76
C ASN B 244 -10.27 21.07 -21.37
N VAL B 245 -9.31 20.13 -21.30
CA VAL B 245 -8.75 19.71 -20.00
C VAL B 245 -7.83 20.82 -19.47
N LEU B 246 -7.88 21.11 -18.18
CA LEU B 246 -7.03 22.13 -17.54
C LEU B 246 -6.04 21.47 -16.57
N VAL B 247 -4.74 21.72 -16.75
CA VAL B 247 -3.72 21.12 -15.87
C VAL B 247 -3.00 22.24 -15.14
N GLU B 248 -3.07 22.25 -13.82
CA GLU B 248 -2.35 23.29 -13.06
C GLU B 248 -1.05 22.79 -12.40
N THR B 249 -0.03 23.64 -12.35
CA THR B 249 1.21 23.29 -11.67
C THR B 249 1.38 24.08 -10.38
N LEU B 250 2.29 23.57 -9.51
CA LEU B 250 2.62 24.15 -8.22
C LEU B 250 3.15 25.60 -8.33
N ASN B 251 3.94 25.93 -9.37
CA ASN B 251 4.44 27.29 -9.54
C ASN B 251 3.40 28.18 -10.24
N HIS B 252 2.12 27.81 -10.12
CA HIS B 252 0.98 28.62 -10.56
C HIS B 252 0.65 28.77 -12.08
N GLU B 253 1.22 27.93 -12.94
CA GLU B 253 0.87 27.96 -14.35
C GLU B 253 -0.30 27.02 -14.65
N MET B 254 -0.99 27.34 -15.74
CA MET B 254 -2.19 26.67 -16.19
C MET B 254 -1.96 26.26 -17.63
N TYR B 255 -2.25 25.01 -17.94
CA TYR B 255 -2.04 24.44 -19.28
C TYR B 255 -3.37 23.90 -19.71
N GLU B 256 -3.66 23.92 -21.00
CA GLU B 256 -4.96 23.56 -21.47
C GLU B 256 -4.73 22.65 -22.64
N ALA B 257 -5.46 21.56 -22.68
CA ALA B 257 -5.22 20.58 -23.70
C ALA B 257 -6.50 19.81 -24.05
N LYS B 258 -6.45 19.12 -25.17
CA LYS B 258 -7.51 18.21 -25.54
C LYS B 258 -7.36 16.89 -24.78
N TYR B 259 -6.12 16.41 -24.59
CA TYR B 259 -5.87 15.17 -23.86
C TYR B 259 -4.69 15.27 -22.92
N VAL B 260 -4.64 14.36 -21.92
CA VAL B 260 -3.53 14.26 -20.99
C VAL B 260 -2.95 12.82 -20.97
N ILE B 261 -1.63 12.70 -20.95
CA ILE B 261 -0.98 11.43 -20.63
C ILE B 261 -0.37 11.57 -19.23
N SER B 262 -0.80 10.66 -18.33
CA SER B 262 -0.19 10.56 -17.01
C SER B 262 0.95 9.57 -17.16
N ALA B 263 2.20 10.06 -17.15
CA ALA B 263 3.34 9.18 -17.26
C ALA B 263 4.19 9.09 -15.94
N ILE B 264 3.52 8.89 -14.82
CA ILE B 264 4.18 8.83 -13.50
C ILE B 264 3.79 7.47 -12.90
N PRO B 265 4.57 6.97 -11.88
CA PRO B 265 4.19 5.77 -11.11
C PRO B 265 2.77 5.94 -10.56
N PRO B 266 1.93 4.87 -10.63
CA PRO B 266 0.50 5.00 -10.28
C PRO B 266 0.29 5.73 -8.97
N THR B 267 1.00 5.32 -7.92
CA THR B 267 0.78 5.97 -6.61
C THR B 267 1.07 7.49 -6.58
N LEU B 268 2.01 7.97 -7.41
CA LEU B 268 2.27 9.43 -7.46
C LEU B 268 1.09 10.23 -8.03
N GLY B 269 0.14 9.49 -8.60
CA GLY B 269 -1.19 9.99 -8.91
C GLY B 269 -1.86 10.63 -7.69
N MET B 270 -1.54 10.15 -6.48
N MET B 270 -1.54 10.15 -6.48
CA MET B 270 -2.07 10.76 -5.26
CA MET B 270 -2.12 10.77 -5.28
C MET B 270 -1.70 12.24 -5.08
C MET B 270 -1.70 12.24 -5.07
N LYS B 271 -0.58 12.66 -5.70
CA LYS B 271 -0.10 14.05 -5.54
C LYS B 271 -0.96 15.11 -6.34
N ILE B 272 -1.87 14.63 -7.18
CA ILE B 272 -2.69 15.48 -8.02
C ILE B 272 -4.18 15.50 -7.48
N HIS B 273 -4.80 16.68 -7.40
CA HIS B 273 -6.18 16.81 -6.98
C HIS B 273 -7.00 16.81 -8.24
N PHE B 274 -8.03 15.94 -8.29
CA PHE B 274 -8.81 15.73 -9.50
C PHE B 274 -10.22 16.32 -9.40
N ASN B 275 -10.64 16.95 -10.50
CA ASN B 275 -12.00 17.44 -10.65
C ASN B 275 -12.52 17.01 -12.04
N PRO B 276 -13.60 16.16 -12.08
CA PRO B 276 -14.33 15.57 -10.97
C PRO B 276 -13.41 14.54 -10.29
N PRO B 277 -13.77 14.08 -9.08
CA PRO B 277 -13.00 13.02 -8.42
C PRO B 277 -12.82 11.83 -9.37
N LEU B 278 -11.71 11.12 -9.23
CA LEU B 278 -11.49 9.87 -9.95
C LEU B 278 -12.58 8.85 -9.62
N PRO B 279 -12.90 7.94 -10.57
CA PRO B 279 -13.80 6.87 -10.18
C PRO B 279 -13.23 6.10 -8.97
N MET B 280 -14.12 5.50 -8.18
CA MET B 280 -13.76 4.71 -6.98
C MET B 280 -12.58 3.71 -7.11
N MET B 281 -12.56 2.88 -8.14
CA MET B 281 -11.58 1.82 -8.20
C MET B 281 -10.12 2.40 -8.37
N ARG B 282 -9.97 3.43 -9.17
CA ARG B 282 -8.64 4.13 -9.31
C ARG B 282 -8.33 4.95 -8.03
N ASN B 283 -9.32 5.62 -7.47
CA ASN B 283 -9.16 6.37 -6.21
C ASN B 283 -8.51 5.51 -5.13
N GLN B 284 -8.96 4.27 -5.00
CA GLN B 284 -8.33 3.36 -4.02
C GLN B 284 -7.09 2.67 -4.55
N MET B 285 -7.04 2.36 -5.84
CA MET B 285 -5.89 1.65 -6.42
C MET B 285 -4.59 2.40 -6.14
N ILE B 286 -4.60 3.71 -6.32
CA ILE B 286 -3.38 4.51 -6.22
C ILE B 286 -2.88 4.69 -4.76
N THR B 287 -3.62 4.16 -3.76
CA THR B 287 -3.12 4.11 -2.39
C THR B 287 -2.58 2.69 -2.08
N ARG B 288 -2.66 1.77 -3.07
CA ARG B 288 -2.38 0.38 -2.78
C ARG B 288 -1.13 -0.21 -3.42
N VAL B 289 -0.29 0.63 -4.03
CA VAL B 289 0.75 0.18 -4.98
C VAL B 289 2.08 0.91 -4.72
N PRO B 290 2.79 0.52 -3.65
CA PRO B 290 4.06 1.20 -3.28
C PRO B 290 5.18 0.78 -4.25
N LEU B 291 6.34 1.45 -4.15
CA LEU B 291 7.53 1.06 -4.94
C LEU B 291 8.54 0.48 -3.97
N GLY B 292 9.48 -0.34 -4.48
CA GLY B 292 10.50 -0.99 -3.63
C GLY B 292 11.56 -0.05 -3.10
N SER B 293 12.56 -0.62 -2.43
CA SER B 293 13.50 0.12 -1.65
C SER B 293 14.85 -0.40 -2.05
N VAL B 294 15.70 0.52 -2.53
CA VAL B 294 17.04 0.18 -2.96
C VAL B 294 17.99 1.41 -2.86
N ILE B 295 19.26 1.11 -2.55
CA ILE B 295 20.36 2.03 -2.73
C ILE B 295 21.29 1.43 -3.75
N LYS B 296 21.61 2.16 -4.81
CA LYS B 296 22.52 1.66 -5.80
C LYS B 296 23.88 2.30 -5.50
N CYS B 297 24.92 1.47 -5.38
CA CYS B 297 26.22 1.89 -4.88
C CYS B 297 27.33 1.45 -5.84
N ILE B 298 28.26 2.36 -6.13
CA ILE B 298 29.37 2.04 -7.04
C ILE B 298 30.69 2.43 -6.40
N VAL B 299 31.52 1.41 -6.15
CA VAL B 299 32.84 1.54 -5.57
C VAL B 299 33.87 1.48 -6.70
N TYR B 300 34.70 2.51 -6.80
CA TYR B 300 35.71 2.66 -7.87
C TYR B 300 37.09 2.22 -7.38
N TYR B 301 37.88 1.66 -8.29
CA TYR B 301 39.22 1.17 -7.97
C TYR B 301 40.22 1.54 -9.04
N LYS B 302 41.49 1.50 -8.69
CA LYS B 302 42.56 1.82 -9.64
C LYS B 302 42.52 0.87 -10.84
N GLU B 303 42.29 -0.41 -10.61
CA GLU B 303 42.21 -1.42 -11.68
C GLU B 303 41.09 -2.39 -11.43
N PRO B 304 40.61 -3.08 -12.48
CA PRO B 304 39.66 -4.17 -12.20
C PRO B 304 40.39 -5.45 -11.70
N PHE B 305 40.90 -5.41 -10.47
CA PHE B 305 41.82 -6.42 -9.95
C PHE B 305 41.21 -7.80 -9.85
N TRP B 306 39.88 -7.89 -9.67
CA TRP B 306 39.19 -9.18 -9.66
C TRP B 306 39.45 -10.02 -10.92
N ARG B 307 39.62 -9.37 -12.07
CA ARG B 307 39.93 -10.11 -13.31
C ARG B 307 41.22 -10.94 -13.32
N LYS B 308 42.26 -10.51 -12.61
CA LYS B 308 43.56 -11.24 -12.44
C LYS B 308 43.34 -12.56 -11.69
N LYS B 309 42.29 -12.59 -10.88
CA LYS B 309 41.94 -13.79 -10.17
C LYS B 309 40.92 -14.66 -10.93
N ASP B 310 40.68 -14.30 -12.21
CA ASP B 310 39.69 -14.98 -13.04
C ASP B 310 38.28 -14.84 -12.36
N TYR B 311 37.99 -13.67 -11.81
CA TYR B 311 36.60 -13.32 -11.44
C TYR B 311 36.06 -12.22 -12.31
N CYS B 312 34.78 -12.30 -12.66
CA CYS B 312 34.24 -11.27 -13.52
C CYS B 312 33.74 -10.07 -12.76
N GLY B 313 33.57 -10.21 -11.44
CA GLY B 313 33.03 -9.16 -10.58
C GLY B 313 31.53 -9.30 -10.28
N THR B 314 30.89 -10.31 -10.87
CA THR B 314 29.51 -10.70 -10.50
C THR B 314 29.56 -11.58 -9.23
N MET B 315 28.87 -11.15 -8.19
CA MET B 315 28.84 -11.84 -6.93
C MET B 315 27.36 -12.03 -6.51
N ILE B 316 27.01 -13.26 -6.09
CA ILE B 316 25.72 -13.53 -5.43
C ILE B 316 26.05 -13.82 -3.98
N ILE B 317 25.53 -12.99 -3.07
CA ILE B 317 26.07 -12.96 -1.71
C ILE B 317 24.96 -13.23 -0.71
N ASP B 318 24.92 -14.43 -0.14
CA ASP B 318 23.78 -14.76 0.74
C ASP B 318 23.95 -14.24 2.18
N GLY B 319 22.85 -14.12 2.92
CA GLY B 319 22.98 -13.88 4.39
C GLY B 319 22.64 -12.49 4.85
N GLU B 320 22.17 -12.42 6.10
CA GLU B 320 21.66 -11.21 6.67
C GLU B 320 22.75 -10.17 6.80
N GLU B 321 23.95 -10.61 7.14
CA GLU B 321 25.01 -9.66 7.50
C GLU B 321 25.58 -8.88 6.27
N ALA B 322 25.53 -9.47 5.09
CA ALA B 322 25.95 -8.79 3.87
C ALA B 322 25.05 -7.60 3.48
N PRO B 323 25.61 -6.39 3.40
CA PRO B 323 24.77 -5.24 3.00
C PRO B 323 24.28 -5.34 1.56
N VAL B 324 25.10 -5.93 0.69
CA VAL B 324 24.82 -6.01 -0.74
C VAL B 324 24.64 -7.45 -1.11
N ALA B 325 23.54 -7.81 -1.75
CA ALA B 325 23.41 -9.26 -2.11
C ALA B 325 23.80 -9.61 -3.53
N TYR B 326 24.04 -8.60 -4.34
CA TYR B 326 24.33 -8.81 -5.77
C TYR B 326 25.16 -7.69 -6.35
N THR B 327 26.18 -8.02 -7.13
CA THR B 327 27.08 -7.04 -7.75
C THR B 327 27.35 -7.40 -9.20
N LEU B 328 27.77 -6.40 -9.97
CA LEU B 328 28.23 -6.56 -11.33
C LEU B 328 29.46 -5.65 -11.53
N ASP B 329 30.33 -6.05 -12.43
CA ASP B 329 31.48 -5.25 -12.83
C ASP B 329 30.91 -4.01 -13.56
N ASP B 330 31.23 -2.80 -13.07
CA ASP B 330 30.80 -1.54 -13.69
C ASP B 330 31.96 -0.78 -14.41
N THR B 331 33.05 -1.47 -14.71
CA THR B 331 34.22 -0.87 -15.42
C THR B 331 33.80 -0.43 -16.83
N LYS B 332 34.31 0.71 -17.33
CA LYS B 332 33.99 1.19 -18.69
C LYS B 332 34.54 0.21 -19.71
N PRO B 333 34.05 0.29 -20.96
CA PRO B 333 34.45 -0.70 -21.98
C PRO B 333 35.95 -0.68 -22.24
N GLU B 334 36.57 0.46 -21.97
CA GLU B 334 37.96 0.70 -22.22
C GLU B 334 38.88 0.02 -21.18
N GLY B 335 38.30 -0.41 -20.06
CA GLY B 335 39.09 -1.11 -19.00
C GLY B 335 39.41 -0.11 -17.92
N ASN B 336 38.94 1.12 -18.09
CA ASN B 336 39.28 2.11 -17.06
C ASN B 336 38.04 2.50 -16.28
N TYR B 337 38.22 3.40 -15.33
CA TYR B 337 37.26 3.67 -14.27
C TYR B 337 36.72 2.34 -13.67
N ALA B 338 37.66 1.44 -13.34
CA ALA B 338 37.36 0.15 -12.72
C ALA B 338 36.37 0.35 -11.55
N ALA B 339 35.35 -0.49 -11.49
CA ALA B 339 34.33 -0.31 -10.45
C ALA B 339 33.46 -1.56 -10.28
N ILE B 340 32.88 -1.69 -9.09
CA ILE B 340 31.92 -2.73 -8.77
C ILE B 340 30.64 -2.01 -8.36
N MET B 341 29.55 -2.42 -8.98
CA MET B 341 28.21 -1.88 -8.68
C MET B 341 27.47 -2.90 -7.77
N GLY B 342 26.87 -2.44 -6.67
CA GLY B 342 26.05 -3.33 -5.85
C GLY B 342 24.70 -2.74 -5.47
N PHE B 343 23.73 -3.60 -5.18
CA PHE B 343 22.40 -3.12 -4.76
C PHE B 343 22.21 -3.49 -3.32
N ILE B 344 21.82 -2.52 -2.49
CA ILE B 344 21.44 -2.76 -1.10
C ILE B 344 19.90 -2.80 -1.11
N LEU B 345 19.33 -3.95 -0.84
CA LEU B 345 17.96 -4.26 -1.22
C LEU B 345 16.96 -4.27 -0.07
N ALA B 346 15.78 -3.73 -0.35
CA ALA B 346 14.61 -3.97 0.53
C ALA B 346 14.87 -3.56 1.98
N HIS B 347 14.68 -4.44 3.00
CA HIS B 347 14.87 -3.97 4.41
C HIS B 347 16.30 -3.49 4.67
N LYS B 348 17.29 -3.96 3.89
CA LYS B 348 18.66 -3.51 4.14
C LYS B 348 18.84 -2.06 3.75
N ALA B 349 18.08 -1.62 2.75
CA ALA B 349 18.12 -0.24 2.29
C ALA B 349 17.67 0.63 3.43
N ARG B 350 16.60 0.22 4.09
CA ARG B 350 16.00 0.95 5.17
C ARG B 350 16.92 0.95 6.37
N LYS B 351 17.50 -0.22 6.68
CA LYS B 351 18.46 -0.35 7.78
C LYS B 351 19.78 0.46 7.64
N LEU B 352 20.43 0.37 6.49
CA LEU B 352 21.73 1.00 6.26
C LEU B 352 21.64 2.47 5.89
N ALA B 353 20.44 2.98 5.65
CA ALA B 353 20.25 4.38 5.29
C ALA B 353 20.61 5.31 6.45
N ARG B 354 20.50 4.80 7.68
CA ARG B 354 20.87 5.54 8.90
C ARG B 354 22.36 5.91 8.97
N LEU B 355 23.21 5.14 8.29
CA LEU B 355 24.64 5.34 8.34
C LEU B 355 25.07 6.53 7.50
N THR B 356 26.32 6.97 7.66
CA THR B 356 26.86 7.95 6.75
C THR B 356 27.36 7.30 5.47
N LYS B 357 27.60 8.13 4.46
CA LYS B 357 28.14 7.70 3.17
C LYS B 357 29.44 6.87 3.32
N GLU B 358 30.38 7.39 4.11
CA GLU B 358 31.67 6.76 4.43
C GLU B 358 31.53 5.44 5.19
N GLU B 359 30.56 5.37 6.12
CA GLU B 359 30.26 4.12 6.80
C GLU B 359 29.73 3.04 5.85
N ARG B 360 28.89 3.40 4.89
CA ARG B 360 28.44 2.45 3.92
C ARG B 360 29.62 2.02 3.06
N LEU B 361 30.49 2.96 2.66
CA LEU B 361 31.65 2.63 1.83
C LEU B 361 32.53 1.55 2.51
N LYS B 362 32.85 1.79 3.78
CA LYS B 362 33.68 0.83 4.55
C LYS B 362 33.05 -0.56 4.63
N LYS B 363 31.73 -0.63 4.88
CA LYS B 363 31.07 -1.92 4.90
C LYS B 363 31.14 -2.65 3.56
N LEU B 364 30.86 -1.93 2.47
CA LEU B 364 30.93 -2.53 1.13
C LEU B 364 32.34 -3.03 0.82
N CYS B 365 33.35 -2.23 1.15
CA CYS B 365 34.74 -2.62 0.84
C CYS B 365 35.22 -3.83 1.63
N GLU B 366 34.88 -3.90 2.92
CA GLU B 366 35.19 -5.09 3.73
C GLU B 366 34.44 -6.35 3.26
N LEU B 367 33.18 -6.21 2.86
CA LEU B 367 32.49 -7.32 2.22
C LEU B 367 33.20 -7.76 0.91
N TYR B 368 33.46 -6.81 0.01
CA TYR B 368 34.03 -7.21 -1.30
C TYR B 368 35.43 -7.82 -1.09
N ALA B 369 36.12 -7.43 -0.01
CA ALA B 369 37.44 -7.97 0.24
C ALA B 369 37.29 -9.44 0.61
N LYS B 370 36.25 -9.76 1.39
CA LYS B 370 36.02 -11.11 1.81
C LYS B 370 35.55 -11.95 0.62
N VAL B 371 34.57 -11.46 -0.14
CA VAL B 371 34.01 -12.28 -1.21
C VAL B 371 35.03 -12.53 -2.35
N LEU B 372 35.76 -11.50 -2.74
CA LEU B 372 36.77 -11.59 -3.80
C LEU B 372 38.10 -12.13 -3.30
N GLY B 373 38.27 -12.21 -1.99
CA GLY B 373 39.51 -12.74 -1.41
C GLY B 373 40.68 -11.82 -1.75
N SER B 374 40.49 -10.50 -1.65
CA SER B 374 41.54 -9.56 -2.06
C SER B 374 41.60 -8.31 -1.19
N LEU B 375 42.80 -8.02 -0.69
CA LEU B 375 43.02 -6.75 0.07
C LEU B 375 42.87 -5.51 -0.79
N GLU B 376 42.91 -5.68 -2.09
CA GLU B 376 42.79 -4.51 -2.99
C GLU B 376 41.42 -3.88 -2.88
N ALA B 377 40.41 -4.64 -2.48
CA ALA B 377 39.06 -4.13 -2.26
C ALA B 377 38.97 -3.16 -1.10
N LEU B 378 39.99 -3.14 -0.27
CA LEU B 378 40.06 -2.22 0.88
C LEU B 378 40.58 -0.82 0.52
N GLU B 379 40.91 -0.63 -0.75
CA GLU B 379 41.51 0.61 -1.18
C GLU B 379 40.75 1.34 -2.27
N PRO B 380 39.50 1.78 -1.97
CA PRO B 380 38.73 2.41 -3.06
C PRO B 380 39.32 3.78 -3.42
N VAL B 381 39.20 4.20 -4.69
CA VAL B 381 39.61 5.57 -5.10
C VAL B 381 38.44 6.57 -5.18
N HIS B 382 37.19 6.07 -5.20
CA HIS B 382 36.01 6.94 -5.25
C HIS B 382 34.75 6.08 -4.96
N TYR B 383 33.64 6.76 -4.64
CA TYR B 383 32.38 6.09 -4.27
C TYR B 383 31.24 6.96 -4.74
N GLU B 384 30.24 6.38 -5.42
CA GLU B 384 28.99 7.07 -5.70
C GLU B 384 27.82 6.17 -5.25
N GLU B 385 26.73 6.76 -4.80
CA GLU B 385 25.59 5.98 -4.35
C GLU B 385 24.34 6.83 -4.48
N LYS B 386 23.20 6.15 -4.63
CA LYS B 386 21.92 6.84 -4.59
C LYS B 386 20.86 6.01 -3.89
N ASN B 387 20.21 6.63 -2.92
CA ASN B 387 19.12 6.01 -2.21
C ASN B 387 17.79 6.47 -2.79
N TRP B 388 17.11 5.58 -3.53
CA TRP B 388 15.89 5.99 -4.20
C TRP B 388 14.67 6.17 -3.29
N CYS B 389 14.73 5.66 -2.05
CA CYS B 389 13.60 5.73 -1.11
C CYS B 389 13.31 7.15 -0.72
N GLU B 390 14.31 8.03 -0.86
CA GLU B 390 14.16 9.38 -0.39
C GLU B 390 13.52 10.33 -1.43
N GLU B 391 13.26 9.83 -2.65
CA GLU B 391 12.82 10.67 -3.78
C GLU B 391 11.31 10.96 -3.76
N GLN B 392 10.92 12.20 -3.46
CA GLN B 392 9.50 12.57 -3.46
C GLN B 392 8.78 12.25 -4.79
N TYR B 393 9.48 12.39 -5.92
CA TYR B 393 8.80 12.17 -7.19
C TYR B 393 9.12 10.83 -7.87
N SER B 394 9.71 9.90 -7.13
CA SER B 394 9.80 8.49 -7.59
C SER B 394 9.03 7.61 -6.65
N GLY B 395 9.20 7.79 -5.32
CA GLY B 395 8.65 6.92 -4.30
C GLY B 395 9.47 5.64 -3.97
N GLY B 396 10.49 5.33 -4.78
CA GLY B 396 11.42 4.19 -4.54
C GLY B 396 11.93 3.68 -5.90
N CYS B 397 12.44 2.46 -5.96
CA CYS B 397 12.91 1.86 -7.17
C CYS B 397 13.00 0.39 -6.89
N TYR B 398 13.08 -0.45 -7.95
CA TYR B 398 13.03 -0.07 -9.36
C TYR B 398 11.65 0.32 -9.79
N THR B 399 10.64 -0.32 -9.19
CA THR B 399 9.29 -0.22 -9.71
C THR B 399 8.23 -0.50 -8.65
N THR B 400 6.98 -0.38 -9.07
CA THR B 400 5.80 -0.61 -8.21
C THR B 400 5.58 -2.14 -7.98
N TYR B 401 5.43 -2.57 -6.72
CA TYR B 401 5.11 -3.97 -6.43
C TYR B 401 3.66 -4.04 -5.97
N PHE B 402 3.04 -5.22 -6.08
CA PHE B 402 1.62 -5.38 -5.61
C PHE B 402 1.59 -6.29 -4.42
N PRO B 403 1.13 -5.77 -3.26
CA PRO B 403 0.87 -6.63 -2.05
C PRO B 403 -0.24 -7.68 -2.31
N PRO B 404 -0.38 -8.67 -1.40
CA PRO B 404 -1.41 -9.70 -1.62
C PRO B 404 -2.83 -9.10 -1.77
N GLY B 405 -3.60 -9.62 -2.76
CA GLY B 405 -4.96 -9.21 -3.01
C GLY B 405 -5.22 -8.08 -3.99
N ILE B 406 -4.17 -7.35 -4.40
CA ILE B 406 -4.40 -6.09 -5.05
C ILE B 406 -4.52 -6.23 -6.57
N LEU B 407 -3.65 -7.07 -7.18
CA LEU B 407 -3.61 -7.16 -8.63
C LEU B 407 -4.95 -7.69 -9.18
N THR B 408 -5.54 -8.71 -8.55
CA THR B 408 -6.85 -9.18 -8.97
C THR B 408 -7.97 -8.17 -8.76
N GLN B 409 -7.96 -7.43 -7.66
CA GLN B 409 -9.07 -6.47 -7.38
C GLN B 409 -8.98 -5.17 -8.16
N TYR B 410 -7.77 -4.71 -8.43
CA TYR B 410 -7.57 -3.37 -8.93
C TYR B 410 -6.75 -3.38 -10.19
N GLY B 411 -6.21 -4.52 -10.58
CA GLY B 411 -5.16 -4.46 -11.64
C GLY B 411 -5.69 -4.00 -12.99
N ARG B 412 -6.95 -4.28 -13.26
CA ARG B 412 -7.47 -3.91 -14.56
C ARG B 412 -7.68 -2.39 -14.72
N VAL B 413 -7.55 -1.68 -13.61
CA VAL B 413 -7.76 -0.24 -13.57
C VAL B 413 -6.50 0.52 -14.07
N LEU B 414 -5.31 -0.10 -14.01
CA LEU B 414 -4.04 0.62 -14.33
C LEU B 414 -3.99 1.40 -15.66
N ARG B 415 -4.33 0.73 -16.74
CA ARG B 415 -4.35 1.32 -18.07
C ARG B 415 -5.69 1.91 -18.47
N GLN B 416 -6.72 1.81 -17.65
CA GLN B 416 -8.01 2.26 -18.14
C GLN B 416 -8.08 3.79 -18.18
N PRO B 417 -8.44 4.39 -19.34
CA PRO B 417 -8.55 5.85 -19.43
C PRO B 417 -9.55 6.46 -18.45
N VAL B 418 -9.27 7.64 -17.92
CA VAL B 418 -10.25 8.34 -17.11
C VAL B 418 -10.71 9.57 -17.92
N ASP B 419 -11.77 9.39 -18.70
CA ASP B 419 -12.31 10.46 -19.63
C ASP B 419 -11.25 10.81 -20.64
N ARG B 420 -10.55 11.94 -20.49
CA ARG B 420 -9.48 12.32 -21.46
C ARG B 420 -8.01 12.13 -20.93
N ILE B 421 -7.86 11.38 -19.83
CA ILE B 421 -6.53 11.08 -19.30
C ILE B 421 -6.18 9.66 -19.65
N TYR B 422 -5.04 9.47 -20.31
CA TYR B 422 -4.51 8.17 -20.67
C TYR B 422 -3.31 7.85 -19.79
N PHE B 423 -3.03 6.57 -19.56
CA PHE B 423 -1.97 6.18 -18.61
C PHE B 423 -0.76 5.50 -19.21
N ALA B 424 0.39 6.14 -19.08
CA ALA B 424 1.62 5.55 -19.53
C ALA B 424 2.45 5.15 -18.27
N GLY B 425 3.78 5.17 -18.34
CA GLY B 425 4.58 4.71 -17.22
C GLY B 425 4.92 3.24 -17.32
N THR B 426 6.13 2.83 -16.91
CA THR B 426 6.55 1.43 -17.13
C THR B 426 5.57 0.43 -16.46
N GLU B 427 4.88 0.85 -15.40
CA GLU B 427 3.92 -0.03 -14.67
C GLU B 427 2.73 -0.59 -15.49
N THR B 428 2.41 0.12 -16.59
CA THR B 428 1.32 -0.25 -17.46
C THR B 428 1.78 -1.04 -18.70
N ALA B 429 3.05 -1.38 -18.79
CA ALA B 429 3.55 -2.14 -19.93
C ALA B 429 3.19 -3.60 -19.82
N THR B 430 3.33 -4.34 -20.92
CA THR B 430 3.02 -5.77 -20.88
C THR B 430 4.25 -6.64 -21.16
N HIS B 431 5.38 -6.03 -21.50
CA HIS B 431 6.65 -6.78 -21.76
C HIS B 431 7.78 -5.91 -21.15
N TRP B 432 8.54 -6.48 -20.19
CA TRP B 432 9.49 -5.73 -19.40
C TRP B 432 8.93 -4.53 -18.67
N SER B 433 7.70 -4.65 -18.24
CA SER B 433 7.14 -3.70 -17.31
C SER B 433 8.07 -3.66 -16.15
N GLY B 434 8.37 -2.46 -15.67
CA GLY B 434 9.26 -2.25 -14.53
C GLY B 434 10.65 -1.79 -15.02
N TYR B 435 10.94 -2.00 -16.29
CA TYR B 435 12.20 -1.58 -16.98
C TYR B 435 12.02 -0.33 -17.90
N MET B 436 13.15 0.23 -18.34
CA MET B 436 13.18 1.22 -19.41
C MET B 436 12.44 0.76 -20.67
N GLU B 437 12.64 -0.50 -21.06
CA GLU B 437 11.87 -1.09 -22.19
C GLU B 437 10.33 -0.92 -22.02
N GLY B 438 9.84 -1.30 -20.84
CA GLY B 438 8.40 -1.10 -20.52
C GLY B 438 7.95 0.34 -20.56
N ALA B 439 8.83 1.27 -20.22
CA ALA B 439 8.46 2.69 -20.24
C ALA B 439 8.22 3.15 -21.67
N VAL B 440 9.09 2.71 -22.56
CA VAL B 440 8.88 3.00 -24.00
C VAL B 440 7.58 2.39 -24.54
N GLU B 441 7.39 1.10 -24.36
CA GLU B 441 6.13 0.42 -24.72
C GLU B 441 4.88 1.20 -24.28
N ALA B 442 4.84 1.57 -23.00
CA ALA B 442 3.66 2.15 -22.39
C ALA B 442 3.41 3.58 -22.87
N GLY B 443 4.51 4.36 -23.05
CA GLY B 443 4.43 5.76 -23.50
C GLY B 443 3.96 5.84 -24.96
N GLU B 444 4.56 5.02 -25.81
CA GLU B 444 4.13 4.89 -27.23
C GLU B 444 2.68 4.38 -27.41
N ARG B 445 2.29 3.35 -26.63
CA ARG B 445 0.89 2.87 -26.63
C ARG B 445 -0.14 3.97 -26.17
N ALA B 446 0.15 4.72 -25.11
CA ALA B 446 -0.79 5.69 -24.60
C ALA B 446 -0.89 6.80 -25.60
N ALA B 447 0.25 7.17 -26.19
CA ALA B 447 0.33 8.17 -27.28
C ALA B 447 -0.56 7.77 -28.46
N ARG B 448 -0.47 6.52 -28.87
CA ARG B 448 -1.35 6.02 -29.96
C ARG B 448 -2.82 5.81 -29.61
N GLU B 449 -3.17 5.61 -28.31
CA GLU B 449 -4.58 5.57 -27.90
C GLU B 449 -5.19 6.98 -28.17
N ILE B 450 -4.44 8.04 -27.84
CA ILE B 450 -4.88 9.40 -28.14
C ILE B 450 -4.98 9.65 -29.69
N LEU B 451 -3.99 9.20 -30.47
CA LEU B 451 -4.12 9.33 -31.94
C LEU B 451 -5.38 8.64 -32.45
N HIS B 452 -5.67 7.46 -31.92
CA HIS B 452 -6.90 6.78 -32.25
C HIS B 452 -8.17 7.53 -31.79
N ALA B 453 -8.19 8.00 -30.56
CA ALA B 453 -9.29 8.90 -30.07
C ALA B 453 -9.53 10.15 -30.96
N MET B 454 -8.47 10.63 -31.58
CA MET B 454 -8.55 11.75 -32.50
C MET B 454 -8.97 11.37 -33.93
N GLY B 455 -9.20 10.09 -34.21
CA GLY B 455 -9.53 9.63 -35.56
C GLY B 455 -8.36 9.51 -36.53
N LYS B 456 -7.12 9.66 -36.03
CA LYS B 456 -5.91 9.63 -36.88
C LYS B 456 -5.37 8.24 -37.28
N ILE B 457 -5.63 7.22 -36.46
CA ILE B 457 -5.20 5.84 -36.77
C ILE B 457 -6.28 4.88 -36.39
N PRO B 458 -6.28 3.69 -37.01
CA PRO B 458 -7.28 2.71 -36.61
C PRO B 458 -6.93 2.01 -35.27
N GLU B 459 -7.92 1.30 -34.74
CA GLU B 459 -7.88 0.65 -33.45
C GLU B 459 -6.77 -0.40 -33.38
N ASP B 460 -6.58 -1.12 -34.47
CA ASP B 460 -5.59 -2.15 -34.49
C ASP B 460 -4.16 -1.63 -34.56
N GLU B 461 -3.99 -0.32 -34.65
CA GLU B 461 -2.66 0.27 -34.60
C GLU B 461 -2.28 0.80 -33.18
N ILE B 462 -3.16 0.66 -32.19
CA ILE B 462 -2.80 1.03 -30.78
C ILE B 462 -1.61 0.24 -30.22
N TRP B 463 -1.63 -1.06 -30.35
CA TRP B 463 -0.55 -1.89 -29.93
C TRP B 463 0.22 -2.28 -31.17
N GLN B 464 1.53 -2.08 -31.12
CA GLN B 464 2.39 -2.30 -32.28
C GLN B 464 3.57 -3.21 -31.91
N SER B 465 3.81 -4.25 -32.70
CA SER B 465 4.97 -5.14 -32.49
C SER B 465 6.25 -4.35 -32.81
N GLU B 466 7.41 -4.85 -32.38
CA GLU B 466 8.70 -4.13 -32.61
C GLU B 466 9.64 -5.09 -33.29
N PRO B 467 10.25 -4.69 -34.41
CA PRO B 467 11.22 -5.69 -34.98
C PRO B 467 12.47 -5.90 -34.10
N GLU B 468 13.07 -7.07 -34.18
CA GLU B 468 14.22 -7.42 -33.36
C GLU B 468 15.40 -6.54 -33.73
N SER B 469 16.07 -6.00 -32.70
CA SER B 469 17.37 -5.31 -32.80
C SER B 469 18.46 -6.13 -33.54
N VAL B 470 19.12 -5.57 -34.57
CA VAL B 470 20.23 -6.31 -35.23
C VAL B 470 21.50 -6.25 -34.40
N ASP B 471 21.61 -5.23 -33.55
CA ASP B 471 22.78 -5.04 -32.71
C ASP B 471 22.79 -5.95 -31.49
N VAL B 472 21.59 -6.28 -30.98
CA VAL B 472 21.49 -7.04 -29.75
C VAL B 472 20.48 -8.15 -29.99
N PRO B 473 20.84 -9.12 -30.85
CA PRO B 473 19.87 -10.15 -31.09
C PRO B 473 19.70 -11.13 -29.92
N ALA B 474 18.48 -11.69 -29.82
CA ALA B 474 18.18 -12.72 -28.83
C ALA B 474 18.52 -14.14 -29.34
N GLN B 475 19.13 -14.96 -28.47
CA GLN B 475 19.29 -16.38 -28.68
C GLN B 475 18.18 -17.09 -27.89
N PRO B 476 17.79 -18.29 -28.35
CA PRO B 476 16.75 -19.05 -27.60
C PRO B 476 17.17 -19.42 -26.16
N ILE B 477 16.18 -19.51 -25.26
CA ILE B 477 16.40 -20.05 -23.91
C ILE B 477 16.12 -21.56 -24.01
N THR B 478 17.07 -22.36 -23.57
CA THR B 478 16.92 -23.81 -23.67
C THR B 478 16.93 -24.42 -22.26
N THR B 479 16.38 -25.64 -22.18
CA THR B 479 16.54 -26.50 -21.02
C THR B 479 17.10 -27.87 -21.43
N THR B 480 17.65 -28.58 -20.46
CA THR B 480 18.07 -29.96 -20.74
C THR B 480 16.94 -30.93 -20.48
N PHE B 481 17.09 -32.13 -21.04
CA PHE B 481 16.18 -33.24 -20.76
C PHE B 481 16.00 -33.51 -19.24
N LEU B 482 17.10 -33.52 -18.49
CA LEU B 482 17.05 -33.72 -17.03
C LEU B 482 16.39 -32.55 -16.26
N GLU B 483 16.67 -31.31 -16.66
CA GLU B 483 15.99 -30.15 -16.07
C GLU B 483 14.46 -30.31 -16.15
N ARG B 484 13.98 -30.74 -17.31
CA ARG B 484 12.56 -30.90 -17.58
C ARG B 484 11.94 -32.06 -16.81
N HIS B 485 12.69 -33.14 -16.56
CA HIS B 485 12.05 -34.39 -16.04
C HIS B 485 12.47 -34.90 -14.68
N LEU B 486 13.59 -34.40 -14.15
CA LEU B 486 13.89 -34.76 -12.77
C LEU B 486 12.70 -34.49 -11.88
N PRO B 487 12.44 -35.38 -10.92
CA PRO B 487 11.29 -35.13 -10.04
C PRO B 487 11.60 -34.09 -8.94
N SER B 488 10.57 -33.52 -8.33
CA SER B 488 10.73 -32.66 -7.18
C SER B 488 11.04 -33.52 -5.95
N VAL B 489 11.33 -32.90 -4.81
CA VAL B 489 11.45 -33.64 -3.54
C VAL B 489 10.18 -34.48 -3.16
N PRO B 490 8.96 -33.86 -3.07
CA PRO B 490 7.76 -34.67 -2.80
C PRO B 490 7.48 -35.71 -3.89
N GLY B 491 7.92 -35.44 -5.13
CA GLY B 491 7.81 -36.38 -6.25
C GLY B 491 8.72 -37.60 -6.09
N LEU B 492 9.95 -37.37 -5.65
CA LEU B 492 10.87 -38.46 -5.37
C LEU B 492 10.37 -39.28 -4.20
N LEU B 493 9.83 -38.60 -3.17
CA LEU B 493 9.19 -39.23 -2.00
C LEU B 493 8.00 -40.11 -2.35
N ARG B 494 7.10 -39.61 -3.21
CA ARG B 494 5.92 -40.36 -3.70
C ARG B 494 6.33 -41.68 -4.36
N LEU B 495 7.51 -41.70 -4.98
CA LEU B 495 8.15 -42.92 -5.47
C LEU B 495 8.91 -43.67 -4.36
N ILE B 496 8.30 -43.76 -3.18
CA ILE B 496 8.88 -44.41 -1.99
C ILE B 496 7.82 -44.63 -0.89
PA FAD C . -11.07 12.21 9.12
O1A FAD C . -10.77 11.51 7.85
O2A FAD C . -12.45 12.18 9.67
O5B FAD C . -10.78 13.78 8.95
C5B FAD C . -9.77 14.31 8.05
C4B FAD C . -10.23 15.65 7.40
O4B FAD C . -9.14 16.01 6.50
C3B FAD C . -11.40 15.38 6.48
O3B FAD C . -12.39 16.33 6.79
C2B FAD C . -10.85 15.62 5.05
O2B FAD C . -11.88 16.23 4.22
C1B FAD C . -9.69 16.56 5.30
N9A FAD C . -8.56 16.52 4.32
C8A FAD C . -8.01 15.47 3.67
N7A FAD C . -7.01 15.90 2.90
C5A FAD C . -6.91 17.21 3.05
C6A FAD C . -6.07 18.20 2.53
N6A FAD C . -5.12 17.95 1.64
N1A FAD C . -6.27 19.48 2.93
C2A FAD C . -7.23 19.80 3.81
N3A FAD C . -8.04 18.90 4.31
C4A FAD C . -7.90 17.60 3.95
N1 FAD C . -15.70 5.29 14.42
C2 FAD C . -16.47 5.14 15.53
O2 FAD C . -16.04 5.64 16.56
N3 FAD C . -17.73 4.50 15.50
C4 FAD C . -18.17 3.89 14.34
O4 FAD C . -19.30 3.39 14.31
C4X FAD C . -17.41 3.97 13.19
N5 FAD C . -17.69 3.26 12.01
C5X FAD C . -17.33 3.85 10.79
C6 FAD C . -18.09 3.62 9.66
C7 FAD C . -17.77 4.24 8.47
C7M FAD C . -18.66 3.91 7.25
C8 FAD C . -16.73 5.17 8.44
C8M FAD C . -16.32 5.89 7.12
C9 FAD C . -15.97 5.41 9.57
C9A FAD C . -16.27 4.76 10.78
N10 FAD C . -15.52 4.92 11.96
C10 FAD C . -16.05 4.51 13.25
C1' FAD C . -14.21 5.58 11.91
C2' FAD C . -14.36 7.09 12.25
O2' FAD C . -15.37 7.73 11.40
C3' FAD C . -12.95 7.73 12.03
O3' FAD C . -12.04 7.04 12.86
C4' FAD C . -12.90 9.20 12.47
O4' FAD C . -14.03 9.89 11.85
C5' FAD C . -11.57 9.78 11.93
O5' FAD C . -11.38 11.17 12.31
P FAD C . -10.07 11.92 11.81
O1P FAD C . -10.29 13.37 12.11
O2P FAD C . -8.90 11.18 12.26
O3P FAD C . -10.01 11.70 10.17
N10 RAS D . -18.47 -1.31 13.87
C11 RAS D . -18.08 -0.58 12.94
C12 RAS D . -17.99 0.84 13.15
C13 RAS D . -17.85 1.61 12.09
C9 RAS D . -18.51 -2.71 13.52
C1 RAS D . -19.89 -3.24 13.89
C2 RAS D . -19.63 -4.59 14.59
C3 RAS D . -18.11 -4.64 14.81
C8 RAS D . -17.50 -3.56 14.24
C7 RAS D . -16.13 -3.40 14.31
C4 RAS D . -17.36 -5.61 15.47
C5 RAS D . -15.97 -5.47 15.56
C6 RAS D . -15.35 -4.37 14.98
CAE XCG E . -19.99 -11.65 17.46
CAM XCG E . -19.28 -11.86 16.34
CAC XCG E . -18.38 -12.87 15.96
CAA XCG E . -17.81 -12.85 14.69
CAB XCG E . -18.11 -11.81 13.81
CAD XCG E . -19.02 -10.82 14.18
CAN XCG E . -19.61 -10.85 15.44
OAJ XCG E . -20.50 -10.04 16.07
CAL XCG E . -20.73 -10.56 17.31
CAK XCG E . -21.59 -9.96 18.25
NAH XCG E . -21.75 -10.37 19.53
CAF XCG E . -22.62 -9.46 20.29
CAG XCG E . -23.02 -8.43 19.22
NAI XCG E . -22.30 -8.88 17.99
C1 C15 F . -0.67 -25.93 12.06
C2 C15 F . -2.06 -26.58 11.93
C3 C15 F . -2.69 -26.44 10.53
C5 C15 F . -0.24 -40.92 11.85
C6 C15 F . -0.60 -39.56 12.41
C7 C15 F . -0.59 -38.47 11.34
C8 C15 F . -1.42 -37.26 11.73
N1 C15 F . -4.09 -26.99 10.45
C1N C15 F . -4.99 -26.30 11.39
C2N C15 F . -4.58 -26.81 9.06
C9 C15 F . -0.61 -35.97 11.66
C10 C15 F . -1.50 -34.76 11.48
C11 C15 F . -0.95 -33.69 10.52
C12 C15 F . -1.50 -32.33 10.94
C13 C15 F . -2.19 -31.59 9.81
C14 C15 F . -3.36 -30.80 10.37
C15 C15 F . -3.25 -29.33 9.96
C16 C15 F . -4.17 -28.44 10.81
S1 C15 F . 0.34 -26.66 13.21
O1S C15 F . 1.63 -25.90 13.29
O2S C15 F . 0.63 -28.07 12.78
O3S C15 F . -0.27 -26.63 14.57
PA FAD G . 9.82 7.59 -14.14
O1A FAD G . 9.57 7.61 -12.67
O2A FAD G . 11.20 7.37 -14.53
O5B FAD G . 9.22 9.01 -14.72
C5B FAD G . 8.25 9.78 -13.98
C4B FAD G . 8.58 11.29 -14.16
O4B FAD G . 7.45 12.01 -13.66
C3B FAD G . 9.75 11.63 -13.24
O3B FAD G . 10.70 12.40 -13.99
C2B FAD G . 9.09 12.34 -12.04
O2B FAD G . 9.94 13.37 -11.54
C1B FAD G . 7.93 13.01 -12.70
N9A FAD G . 6.77 13.32 -11.82
C8A FAD G . 6.33 12.67 -10.73
N7A FAD G . 5.25 13.28 -10.26
C5A FAD G . 5.01 14.36 -11.02
C6A FAD G . 4.05 15.41 -10.97
N6A FAD G . 3.06 15.50 -10.01
N1A FAD G . 4.10 16.33 -11.97
C2A FAD G . 5.05 16.31 -12.92
N3A FAD G . 5.99 15.34 -12.96
C4A FAD G . 5.98 14.37 -12.03
N1 FAD G . 15.38 -0.41 -15.66
C2 FAD G . 16.12 -0.97 -16.66
O2 FAD G . 15.63 -1.07 -17.78
N3 FAD G . 17.39 -1.44 -16.37
C4 FAD G . 17.91 -1.35 -15.06
O4 FAD G . 19.09 -1.66 -14.90
C4X FAD G . 17.16 -0.85 -13.99
N5 FAD G . 17.48 -0.87 -12.59
C5X FAD G . 17.09 0.18 -11.78
C6 FAD G . 17.81 0.55 -10.68
C7 FAD G . 17.46 1.64 -9.90
C7M FAD G . 18.32 1.95 -8.68
C8 FAD G . 16.31 2.38 -10.24
C8M FAD G . 15.85 3.58 -9.37
C9 FAD G . 15.55 1.96 -11.37
C9A FAD G . 15.96 0.87 -12.17
N10 FAD G . 15.21 0.37 -13.29
C10 FAD G . 15.82 -0.48 -14.27
C1' FAD G . 13.84 0.90 -13.59
C2' FAD G . 13.78 1.95 -14.73
O2' FAD G . 14.64 3.06 -14.40
C3' FAD G . 12.27 2.41 -14.75
O3' FAD G . 11.42 1.29 -15.12
C4' FAD G . 11.99 3.58 -15.71
O4' FAD G . 13.03 4.58 -15.61
C5' FAD G . 10.55 4.17 -15.44
O5' FAD G . 10.18 5.26 -16.40
P FAD G . 8.85 6.02 -16.32
O1P FAD G . 9.04 7.05 -17.37
O2P FAD G . 7.81 4.97 -16.44
O3P FAD G . 8.78 6.58 -14.84
N10 RAS H . 18.71 -5.75 -12.31
C11 RAS H . 18.47 -4.63 -11.79
C12 RAS H . 18.11 -3.50 -12.62
C13 RAS H . 17.67 -2.41 -12.05
C9 RAS H . 19.00 -6.76 -11.32
C1 RAS H . 20.44 -7.28 -11.42
C2 RAS H . 20.39 -8.81 -11.58
C3 RAS H . 18.92 -9.10 -11.70
C8 RAS H . 18.16 -7.95 -11.58
C7 RAS H . 16.78 -7.94 -11.68
C4 RAS H . 18.35 -10.33 -11.90
C5 RAS H . 16.97 -10.35 -11.98
C6 RAS H . 16.20 -9.18 -11.87
CAE XCG I . 21.59 -16.31 -10.74
CAM XCG I . 20.95 -16.00 -9.60
CAC XCG I . 20.13 -16.74 -8.74
CAA XCG I . 19.59 -16.10 -7.62
CAB XCG I . 19.81 -14.75 -7.33
CAD XCG I . 20.60 -14.03 -8.22
CAN XCG I . 21.18 -14.65 -9.31
OAJ XCG I . 21.97 -14.18 -10.31
CAL XCG I . 22.25 -15.20 -11.16
CAK XCG I . 23.02 -14.99 -12.30
NAH XCG I . 23.20 -15.89 -13.29
CAF XCG I . 23.99 -15.33 -14.41
CAG XCG I . 24.24 -13.88 -13.97
NAI XCG I . 23.53 -13.78 -12.67
#